data_6TWY
#
_entry.id   6TWY
#
_cell.length_a   61.450
_cell.length_b   96.380
_cell.length_c   198.450
_cell.angle_alpha   90.000
_cell.angle_beta   90.000
_cell.angle_gamma   90.000
#
_symmetry.space_group_name_H-M   'P 2 21 21'
#
loop_
_entity.id
_entity.type
_entity.pdbx_description
1 polymer 'Membrane-associated guanylate kinase, WW and PDZ domain-containing protein 1,Annexin A2'
2 polymer 'Phosphomimetic RSK1 peptide'
3 non-polymer GLYCEROL
4 non-polymer 'CITRIC ACID'
5 non-polymer 'CALCIUM ION'
6 water water
#
loop_
_entity_poly.entity_id
_entity_poly.type
_entity_poly.pdbx_seq_one_letter_code
_entity_poly.pdbx_strand_id
1 'polypeptide(L)'
;GSMGKPFFTRNPSELKGKFIHTKLRKSSRGFGFTVVGGDEPDEFLQIKSLVLDGPAALDGKMETGDVIVSVNDTCVLGHT
HAQVVKIFQSIPIGASVDLELCRGYPLGSSAYGSVKAYTNFDAERDALNIETAIKTKGVDEVTIVNILTNRSNEQRQDIA
FAYQRRTKKELASALKSALSGHLETVILGLLKTPAQYDASELKASMKGLGTDEDSLIEIICSRTNQELQEINRVYKEMYK
TDLEKDIISDTSGDFRKLMVALAKGRRAEDGSVIDYELIDQDARDLYDAGVKRKGTDVPKWISIMTERSVPHLQKVFDRY
KSYSPYDMLESIRKEVKGDLENAFLNLVQCIQNKPLYFADRLYDSMKGKGTRDKVLIRIMVSRSEVDMLKIRSEFKRKYG
KSLYYYIQQDTKGDYQKALLYLCGGDD
;
A,B
2 'polypeptide(L)' RRVRKLPETTL C
#
# COMPACT_ATOMS: atom_id res chain seq x y z
N PHE A 7 5.95 -8.64 33.06
CA PHE A 7 5.61 -8.09 34.36
C PHE A 7 5.60 -6.55 34.33
N PHE A 8 4.51 -5.96 34.81
CA PHE A 8 4.35 -4.52 34.85
C PHE A 8 3.73 -4.11 36.18
N THR A 9 4.15 -2.94 36.67
CA THR A 9 3.59 -2.38 37.90
C THR A 9 3.84 -0.88 37.93
N ARG A 10 2.78 -0.10 38.08
CA ARG A 10 2.89 1.34 38.21
C ARG A 10 3.11 1.79 39.65
N ASN A 11 3.67 0.92 40.49
CA ASN A 11 3.99 1.25 41.88
C ASN A 11 5.50 1.16 42.08
N PRO A 12 6.15 2.22 42.57
CA PRO A 12 7.57 2.09 42.95
C PRO A 12 7.80 1.14 44.11
N SER A 13 6.79 0.86 44.93
CA SER A 13 6.92 -0.07 46.05
C SER A 13 6.80 -1.53 45.63
N GLU A 14 6.50 -1.80 44.36
CA GLU A 14 6.41 -3.16 43.86
C GLU A 14 7.48 -3.48 42.81
N LEU A 15 8.41 -2.55 42.56
CA LEU A 15 9.56 -2.83 41.71
C LEU A 15 10.67 -3.46 42.55
N LYS A 16 11.29 -4.51 42.00
CA LYS A 16 12.26 -5.29 42.75
C LYS A 16 13.70 -4.88 42.50
N GLY A 17 14.01 -4.31 41.34
CA GLY A 17 15.37 -3.99 40.99
C GLY A 17 15.94 -2.85 41.80
N LYS A 18 17.13 -2.40 41.36
CA LYS A 18 17.84 -1.31 42.03
C LYS A 18 17.46 0.03 41.42
N PHE A 19 17.26 1.02 42.29
CA PHE A 19 16.88 2.36 41.87
C PHE A 19 18.11 3.23 41.67
N ILE A 20 18.03 4.15 40.71
CA ILE A 20 19.14 5.01 40.33
C ILE A 20 18.64 6.43 40.14
N HIS A 21 19.15 7.35 40.95
CA HIS A 21 18.86 8.77 40.79
C HIS A 21 19.92 9.43 39.91
N THR A 22 19.48 10.31 39.01
CA THR A 22 20.38 10.95 38.06
C THR A 22 19.87 12.36 37.76
N LYS A 23 20.80 13.28 37.55
CA LYS A 23 20.50 14.66 37.18
C LYS A 23 21.14 14.95 35.83
N LEU A 24 20.34 15.39 34.87
CA LEU A 24 20.80 15.64 33.51
C LEU A 24 20.39 17.04 33.06
N ARG A 25 21.33 17.72 32.40
CA ARG A 25 21.06 19.01 31.78
C ARG A 25 20.89 18.79 30.28
N LYS A 26 19.81 19.31 29.72
CA LYS A 26 19.52 19.13 28.29
C LYS A 26 20.44 20.02 27.48
N SER A 27 21.33 19.41 26.70
CA SER A 27 22.26 20.17 25.86
C SER A 27 21.57 20.59 24.56
N SER A 28 22.36 20.78 23.51
CA SER A 28 21.79 21.17 22.22
C SER A 28 21.23 19.99 21.45
N ARG A 29 21.75 18.79 21.68
CA ARG A 29 21.28 17.57 21.03
C ARG A 29 20.40 16.73 21.95
N GLY A 30 19.58 17.38 22.78
CA GLY A 30 18.73 16.67 23.71
C GLY A 30 19.53 16.07 24.87
N PHE A 31 18.83 15.27 25.67
CA PHE A 31 19.48 14.58 26.77
C PHE A 31 20.40 13.46 26.29
N GLY A 32 20.21 12.97 25.07
CA GLY A 32 21.12 12.01 24.49
C GLY A 32 20.78 10.56 24.76
N PHE A 33 19.50 10.21 24.61
CA PHE A 33 19.09 8.82 24.76
C PHE A 33 17.75 8.63 24.06
N THR A 34 17.46 7.37 23.73
CA THR A 34 16.19 6.98 23.11
C THR A 34 15.43 6.09 24.08
N VAL A 35 14.13 6.33 24.21
CA VAL A 35 13.27 5.56 25.09
C VAL A 35 12.36 4.69 24.24
N VAL A 36 11.97 3.54 24.80
CA VAL A 36 11.13 2.57 24.11
C VAL A 36 10.07 2.06 25.08
N GLY A 37 8.93 1.65 24.54
CA GLY A 37 7.81 1.20 25.34
C GLY A 37 6.78 2.30 25.53
N GLY A 38 5.71 1.94 26.23
CA GLY A 38 4.65 2.88 26.53
C GLY A 38 3.58 3.03 25.47
N ASP A 39 3.64 2.26 24.39
CA ASP A 39 2.60 2.28 23.35
C ASP A 39 1.45 1.34 23.67
N GLU A 40 1.38 0.84 24.91
CA GLU A 40 0.39 -0.13 25.36
C GLU A 40 -0.35 0.42 26.57
N PRO A 41 -1.42 -0.24 27.05
CA PRO A 41 -2.02 0.15 28.33
C PRO A 41 -1.06 -0.02 29.50
N ASP A 42 -0.63 -1.27 29.74
CA ASP A 42 0.27 -1.61 30.85
C ASP A 42 1.60 -2.04 30.27
N GLU A 43 2.56 -1.12 30.24
CA GLU A 43 3.92 -1.42 29.77
C GLU A 43 4.87 -0.36 30.30
N PHE A 44 6.10 -0.78 30.61
CA PHE A 44 7.10 0.10 31.18
C PHE A 44 7.69 1.04 30.12
N LEU A 45 8.64 1.86 30.55
CA LEU A 45 9.38 2.76 29.67
C LEU A 45 10.87 2.57 29.96
N GLN A 46 11.57 1.92 29.04
CA GLN A 46 12.96 1.52 29.25
C GLN A 46 13.86 2.26 28.28
N ILE A 47 15.12 2.44 28.69
CA ILE A 47 16.09 3.14 27.85
C ILE A 47 16.53 2.21 26.72
N LYS A 48 16.46 2.70 25.48
CA LYS A 48 16.84 1.91 24.32
C LYS A 48 18.33 2.07 24.01
N SER A 49 18.73 3.26 23.57
CA SER A 49 20.12 3.56 23.25
C SER A 49 20.52 4.88 23.90
N LEU A 50 21.83 5.06 24.04
CA LEU A 50 22.42 6.26 24.63
C LEU A 50 23.41 6.87 23.65
N VAL A 51 23.18 8.12 23.27
CA VAL A 51 24.13 8.85 22.42
C VAL A 51 25.43 9.01 23.21
N LEU A 52 26.49 8.33 22.77
CA LEU A 52 27.74 8.28 23.52
C LEU A 52 28.41 9.64 23.66
N ASP A 53 27.95 10.66 22.94
CA ASP A 53 28.44 12.03 23.12
C ASP A 53 27.39 12.95 23.73
N GLY A 54 26.27 12.40 24.20
CA GLY A 54 25.22 13.20 24.78
C GLY A 54 25.30 13.25 26.30
N PRO A 55 24.52 14.14 26.91
CA PRO A 55 24.55 14.25 28.37
C PRO A 55 24.11 12.98 29.11
N ALA A 56 23.31 12.12 28.47
CA ALA A 56 22.88 10.89 29.13
C ALA A 56 24.04 9.92 29.31
N ALA A 57 24.81 9.70 28.24
CA ALA A 57 25.96 8.81 28.33
C ALA A 57 27.11 9.43 29.11
N LEU A 58 27.19 10.77 29.18
CA LEU A 58 28.23 11.43 29.95
C LEU A 58 28.14 11.07 31.43
N ASP A 59 26.92 11.06 31.98
CA ASP A 59 26.74 10.72 33.39
C ASP A 59 27.17 9.30 33.67
N GLY A 60 26.83 8.37 32.77
CA GLY A 60 27.23 6.98 32.91
C GLY A 60 26.44 6.18 33.92
N LYS A 61 25.44 6.77 34.58
CA LYS A 61 24.62 6.07 35.55
C LYS A 61 23.31 5.57 34.97
N MET A 62 23.03 5.84 33.69
CA MET A 62 21.86 5.34 33.00
C MET A 62 22.29 4.33 31.94
N GLU A 63 21.65 3.16 31.94
CA GLU A 63 21.99 2.08 31.04
C GLU A 63 20.74 1.64 30.28
N THR A 64 20.96 0.79 29.28
CA THR A 64 19.84 0.27 28.50
C THR A 64 19.04 -0.74 29.33
N GLY A 65 17.72 -0.63 29.24
CA GLY A 65 16.82 -1.48 30.00
C GLY A 65 16.34 -0.91 31.32
N ASP A 66 16.74 0.32 31.66
CA ASP A 66 16.31 0.94 32.90
C ASP A 66 14.88 1.44 32.78
N VAL A 67 14.00 0.96 33.66
CA VAL A 67 12.63 1.45 33.69
C VAL A 67 12.60 2.84 34.29
N ILE A 68 11.98 3.79 33.57
CA ILE A 68 11.89 5.17 34.04
C ILE A 68 10.74 5.25 35.03
N VAL A 69 11.08 5.37 36.32
CA VAL A 69 10.06 5.34 37.37
C VAL A 69 9.39 6.70 37.53
N SER A 70 10.16 7.78 37.51
CA SER A 70 9.60 9.10 37.70
C SER A 70 10.47 10.14 36.99
N VAL A 71 9.85 11.24 36.60
CA VAL A 71 10.52 12.36 35.91
C VAL A 71 10.06 13.65 36.56
N ASN A 72 11.00 14.37 37.18
CA ASN A 72 10.73 15.66 37.81
C ASN A 72 9.66 15.55 38.90
N ASP A 73 9.92 14.67 39.86
CA ASP A 73 9.05 14.43 41.02
C ASP A 73 7.65 13.98 40.62
N THR A 74 7.50 13.37 39.46
CA THR A 74 6.20 12.88 38.98
C THR A 74 6.38 11.45 38.48
N CYS A 75 5.63 10.52 39.06
CA CYS A 75 5.69 9.14 38.64
C CYS A 75 5.19 8.98 37.21
N VAL A 76 6.01 8.37 36.36
CA VAL A 76 5.64 8.12 34.97
C VAL A 76 5.45 6.64 34.70
N LEU A 77 5.37 5.81 35.74
CA LEU A 77 5.06 4.40 35.58
C LEU A 77 3.60 4.25 35.17
N GLY A 78 3.37 3.69 33.98
CA GLY A 78 2.03 3.52 33.45
C GLY A 78 1.59 4.61 32.49
N HIS A 79 2.40 5.65 32.30
CA HIS A 79 2.10 6.67 31.31
C HIS A 79 2.46 6.17 29.92
N THR A 80 1.77 6.71 28.92
CA THR A 80 1.98 6.30 27.54
C THR A 80 3.34 6.80 27.03
N HIS A 81 3.67 6.41 25.80
CA HIS A 81 4.95 6.82 25.21
C HIS A 81 4.95 8.29 24.85
N ALA A 82 3.79 8.86 24.51
CA ALA A 82 3.71 10.27 24.13
C ALA A 82 3.65 11.21 25.32
N GLN A 83 3.23 10.72 26.49
CA GLN A 83 3.12 11.58 27.67
C GLN A 83 4.49 11.90 28.27
N VAL A 84 5.38 10.90 28.35
CA VAL A 84 6.70 11.15 28.92
C VAL A 84 7.67 11.74 27.90
N VAL A 85 7.40 11.57 26.60
CA VAL A 85 8.22 12.22 25.58
C VAL A 85 7.95 13.72 25.58
N LYS A 86 6.69 14.12 25.83
CA LYS A 86 6.36 15.54 25.91
C LYS A 86 6.96 16.22 27.14
N ILE A 87 7.25 15.46 28.19
CA ILE A 87 7.86 16.05 29.39
C ILE A 87 9.31 16.44 29.11
N PHE A 88 10.09 15.53 28.52
CA PHE A 88 11.50 15.81 28.22
C PHE A 88 11.64 16.86 27.13
N GLN A 89 10.71 16.92 26.19
CA GLN A 89 10.79 17.90 25.12
C GLN A 89 10.40 19.30 25.59
N SER A 90 9.51 19.40 26.57
CA SER A 90 9.16 20.71 27.13
C SER A 90 10.31 21.33 27.90
N ILE A 91 11.23 20.51 28.41
CA ILE A 91 12.42 20.99 29.11
C ILE A 91 13.25 21.79 28.12
N PRO A 92 13.48 23.09 28.36
CA PRO A 92 14.29 23.88 27.44
C PRO A 92 15.76 23.47 27.43
N ILE A 93 16.57 24.15 26.62
CA ILE A 93 18.00 23.83 26.51
C ILE A 93 18.74 24.55 27.63
N GLY A 94 19.39 23.78 28.50
CA GLY A 94 20.10 24.30 29.64
C GLY A 94 19.47 23.97 30.99
N ALA A 95 18.20 23.60 30.99
CA ALA A 95 17.50 23.25 32.23
C ALA A 95 17.83 21.80 32.62
N SER A 96 17.45 21.46 33.84
CA SER A 96 17.77 20.17 34.44
C SER A 96 16.54 19.27 34.51
N VAL A 97 16.77 17.96 34.44
CA VAL A 97 15.73 16.97 34.66
C VAL A 97 16.24 15.95 35.67
N ASP A 98 15.32 15.43 36.48
CA ASP A 98 15.64 14.44 37.50
C ASP A 98 14.98 13.12 37.13
N LEU A 99 15.77 12.05 37.14
CA LEU A 99 15.32 10.73 36.70
C LEU A 99 15.60 9.70 37.78
N GLU A 100 14.57 8.97 38.21
CA GLU A 100 14.72 7.77 39.01
C GLU A 100 14.49 6.56 38.12
N LEU A 101 15.51 5.71 38.01
CA LEU A 101 15.49 4.56 37.12
C LEU A 101 15.45 3.27 37.92
N CYS A 102 15.20 2.16 37.21
CA CYS A 102 15.06 0.85 37.82
C CYS A 102 15.64 -0.20 36.87
N ARG A 103 16.69 -0.87 37.31
CA ARG A 103 17.35 -1.91 36.52
C ARG A 103 17.13 -3.28 37.14
N GLY A 104 16.89 -4.27 36.29
CA GLY A 104 16.60 -5.62 36.73
C GLY A 104 15.53 -6.26 35.88
N TYR A 105 14.98 -5.49 34.95
CA TYR A 105 13.95 -5.91 34.01
C TYR A 105 14.54 -6.11 32.62
N PRO A 106 13.94 -6.99 31.79
CA PRO A 106 14.56 -7.31 30.49
C PRO A 106 14.49 -6.17 29.49
N LEU A 107 13.59 -6.29 28.51
CA LEU A 107 13.50 -5.29 27.45
C LEU A 107 12.09 -5.01 26.98
N GLY A 108 11.08 -5.63 27.59
CA GLY A 108 9.70 -5.39 27.19
C GLY A 108 9.29 -6.13 25.93
N SER A 109 9.97 -5.82 24.82
CA SER A 109 9.68 -6.51 23.56
C SER A 109 10.06 -7.98 23.65
N SER A 110 11.31 -8.27 24.01
CA SER A 110 11.78 -9.65 24.19
C SER A 110 11.53 -10.15 25.61
N ALA A 111 10.40 -9.78 26.20
CA ALA A 111 10.12 -10.15 27.59
C ALA A 111 10.01 -11.66 27.75
N TYR A 112 9.37 -12.33 26.80
CA TYR A 112 9.14 -13.77 26.88
C TYR A 112 9.93 -14.56 25.84
N GLY A 113 10.90 -13.94 25.18
CA GLY A 113 11.82 -14.68 24.35
C GLY A 113 12.87 -15.40 25.18
N SER A 114 13.44 -16.44 24.58
CA SER A 114 14.56 -17.14 25.20
C SER A 114 15.90 -16.53 24.80
N VAL A 115 15.99 -15.95 23.61
CA VAL A 115 17.22 -15.33 23.13
C VAL A 115 17.16 -13.84 23.46
N LYS A 116 18.08 -13.38 24.29
CA LYS A 116 18.16 -11.99 24.68
C LYS A 116 19.38 -11.35 24.02
N ALA A 117 19.35 -10.02 23.93
CA ALA A 117 20.48 -9.28 23.39
C ALA A 117 21.70 -9.49 24.28
N TYR A 118 22.84 -9.78 23.64
CA TYR A 118 24.09 -10.02 24.34
C TYR A 118 24.69 -8.70 24.82
N THR A 119 24.98 -8.62 26.12
CA THR A 119 25.38 -7.36 26.75
C THR A 119 26.63 -6.74 26.13
N ASN A 120 27.79 -7.38 26.31
CA ASN A 120 29.04 -6.86 25.80
C ASN A 120 29.20 -7.19 24.31
N PHE A 121 28.22 -6.76 23.54
CA PHE A 121 28.19 -7.08 22.12
C PHE A 121 29.30 -6.33 21.38
N ASP A 122 29.93 -7.03 20.44
CA ASP A 122 30.93 -6.42 19.57
C ASP A 122 30.86 -7.14 18.23
N ALA A 123 30.21 -6.49 17.25
CA ALA A 123 29.96 -7.14 15.96
C ALA A 123 31.26 -7.48 15.23
N GLU A 124 32.28 -6.63 15.37
CA GLU A 124 33.55 -6.87 14.70
C GLU A 124 34.25 -8.11 15.25
N ARG A 125 34.29 -8.24 16.57
CA ARG A 125 34.89 -9.42 17.19
C ARG A 125 34.12 -10.69 16.82
N ASP A 126 32.79 -10.59 16.76
CA ASP A 126 31.98 -11.75 16.36
C ASP A 126 32.24 -12.11 14.90
N ALA A 127 32.28 -11.11 14.01
CA ALA A 127 32.49 -11.38 12.59
C ALA A 127 33.85 -12.00 12.35
N LEU A 128 34.88 -11.53 13.05
CA LEU A 128 36.20 -12.14 12.92
C LEU A 128 36.18 -13.58 13.41
N ASN A 129 35.59 -13.81 14.59
CA ASN A 129 35.55 -15.16 15.14
C ASN A 129 34.77 -16.11 14.27
N ILE A 130 33.72 -15.61 13.60
CA ILE A 130 32.98 -16.46 12.68
C ILE A 130 33.80 -16.70 11.41
N GLU A 131 34.53 -15.69 10.96
CA GLU A 131 35.41 -15.90 9.82
C GLU A 131 36.50 -16.90 10.14
N THR A 132 37.06 -16.83 11.35
CA THR A 132 38.10 -17.76 11.74
C THR A 132 37.56 -19.17 11.87
N ALA A 133 36.34 -19.31 12.41
CA ALA A 133 35.71 -20.63 12.50
C ALA A 133 35.46 -21.21 11.11
N ILE A 134 34.97 -20.38 10.18
CA ILE A 134 34.68 -20.84 8.83
C ILE A 134 35.93 -21.37 8.15
N LYS A 135 37.02 -20.63 8.26
CA LYS A 135 38.26 -20.96 7.56
C LYS A 135 39.21 -21.81 8.39
N THR A 136 38.75 -22.31 9.53
CA THR A 136 39.49 -23.34 10.25
C THR A 136 39.34 -24.67 9.52
N LYS A 137 40.45 -25.41 9.40
CA LYS A 137 40.43 -26.71 8.74
C LYS A 137 39.32 -27.60 9.29
N GLY A 138 38.38 -27.96 8.44
CA GLY A 138 37.25 -28.77 8.86
C GLY A 138 36.05 -28.00 9.39
N VAL A 139 36.14 -26.66 9.44
CA VAL A 139 35.06 -25.78 9.87
C VAL A 139 34.76 -25.96 11.36
N ASP A 140 34.84 -24.87 12.13
CA ASP A 140 34.54 -24.90 13.56
C ASP A 140 33.08 -24.51 13.73
N GLU A 141 32.20 -25.50 13.62
CA GLU A 141 30.78 -25.24 13.69
C GLU A 141 30.33 -24.86 15.09
N VAL A 142 30.98 -25.42 16.12
CA VAL A 142 30.64 -25.10 17.51
C VAL A 142 30.72 -23.60 17.76
N THR A 143 31.79 -22.97 17.27
CA THR A 143 31.93 -21.53 17.44
C THR A 143 30.80 -20.77 16.75
N ILE A 144 30.57 -21.07 15.46
CA ILE A 144 29.48 -20.45 14.73
C ILE A 144 28.16 -20.62 15.47
N VAL A 145 27.94 -21.80 16.06
CA VAL A 145 26.69 -22.05 16.78
C VAL A 145 26.65 -21.25 18.07
N ASN A 146 27.75 -21.31 18.86
CA ASN A 146 27.77 -20.63 20.16
C ASN A 146 27.54 -19.13 20.02
N ILE A 147 27.94 -18.54 18.90
CA ILE A 147 27.82 -17.09 18.76
C ILE A 147 26.42 -16.72 18.29
N LEU A 148 26.01 -17.22 17.12
CA LEU A 148 24.79 -16.74 16.51
C LEU A 148 23.55 -17.06 17.34
N THR A 149 23.55 -18.15 18.10
CA THR A 149 22.37 -18.50 18.89
C THR A 149 22.30 -17.76 20.21
N ASN A 150 23.38 -17.07 20.62
N ASN A 150 23.37 -17.06 20.60
CA ASN A 150 23.41 -16.26 21.82
CA ASN A 150 23.36 -16.26 21.81
C ASN A 150 23.40 -14.76 21.52
C ASN A 150 23.45 -14.77 21.50
N ARG A 151 22.99 -14.39 20.31
CA ARG A 151 22.86 -12.99 19.91
C ARG A 151 21.44 -12.76 19.40
N SER A 152 20.95 -11.54 19.60
CA SER A 152 19.64 -11.18 19.09
C SER A 152 19.69 -11.08 17.57
N ASN A 153 18.50 -11.15 16.95
CA ASN A 153 18.40 -10.97 15.51
C ASN A 153 18.99 -9.63 15.07
N GLU A 154 18.70 -8.56 15.82
CA GLU A 154 19.34 -7.28 15.59
C GLU A 154 20.85 -7.39 15.60
N GLN A 155 21.38 -8.12 16.59
CA GLN A 155 22.83 -8.27 16.68
C GLN A 155 23.38 -9.12 15.55
N ARG A 156 22.60 -10.10 15.06
CA ARG A 156 23.06 -10.89 13.92
C ARG A 156 23.10 -10.07 12.65
N GLN A 157 22.32 -8.98 12.57
CA GLN A 157 22.39 -8.10 11.42
C GLN A 157 23.67 -7.27 11.43
N ASP A 158 24.07 -6.79 12.61
CA ASP A 158 25.33 -6.06 12.71
C ASP A 158 26.50 -6.98 12.40
N ILE A 159 26.43 -8.24 12.84
CA ILE A 159 27.51 -9.19 12.60
C ILE A 159 27.69 -9.42 11.10
N ALA A 160 26.58 -9.65 10.39
CA ALA A 160 26.66 -9.90 8.95
C ALA A 160 27.18 -8.67 8.22
N PHE A 161 26.88 -7.48 8.72
CA PHE A 161 27.41 -6.26 8.11
C PHE A 161 28.91 -6.14 8.35
N ALA A 162 29.36 -6.42 9.57
CA ALA A 162 30.79 -6.36 9.87
C ALA A 162 31.54 -7.44 9.11
N TYR A 163 30.98 -8.64 9.02
CA TYR A 163 31.60 -9.71 8.24
C TYR A 163 31.77 -9.30 6.79
N GLN A 164 30.73 -8.67 6.22
CA GLN A 164 30.79 -8.25 4.84
C GLN A 164 31.83 -7.14 4.65
N ARG A 165 31.93 -6.23 5.63
CA ARG A 165 32.96 -5.21 5.53
C ARG A 165 34.36 -5.79 5.61
N ARG A 166 34.53 -6.87 6.37
CA ARG A 166 35.87 -7.42 6.59
C ARG A 166 36.30 -8.33 5.44
N THR A 167 35.39 -9.16 4.93
CA THR A 167 35.72 -10.17 3.95
C THR A 167 35.38 -9.77 2.53
N LYS A 168 34.56 -8.73 2.34
CA LYS A 168 33.95 -8.39 1.06
C LYS A 168 33.08 -9.53 0.53
N LYS A 169 32.68 -10.46 1.41
CA LYS A 169 31.77 -11.54 1.08
C LYS A 169 30.61 -11.53 2.06
N GLU A 170 29.44 -11.98 1.61
CA GLU A 170 28.26 -12.02 2.47
C GLU A 170 28.36 -13.16 3.48
N LEU A 171 28.01 -12.87 4.73
CA LEU A 171 28.06 -13.90 5.77
C LEU A 171 27.19 -15.09 5.42
N ALA A 172 25.99 -14.84 4.87
CA ALA A 172 25.09 -15.94 4.53
C ALA A 172 25.68 -16.84 3.45
N SER A 173 26.32 -16.26 2.43
CA SER A 173 27.00 -17.06 1.43
C SER A 173 28.10 -17.91 2.04
N ALA A 174 28.89 -17.33 2.94
CA ALA A 174 30.01 -18.05 3.53
C ALA A 174 29.53 -19.23 4.37
N LEU A 175 28.48 -19.02 5.18
CA LEU A 175 27.95 -20.11 6.00
C LEU A 175 27.26 -21.16 5.14
N LYS A 176 26.62 -20.76 4.05
CA LYS A 176 26.07 -21.72 3.10
C LYS A 176 27.13 -22.72 2.65
N SER A 177 28.31 -22.23 2.23
CA SER A 177 29.37 -23.08 1.75
C SER A 177 30.11 -23.82 2.86
N ALA A 178 29.91 -23.43 4.12
CA ALA A 178 30.63 -24.06 5.22
C ALA A 178 29.79 -25.08 5.98
N LEU A 179 28.47 -24.99 5.91
CA LEU A 179 27.57 -25.84 6.68
C LEU A 179 26.73 -26.72 5.75
N SER A 180 25.97 -27.62 6.34
CA SER A 180 25.12 -28.52 5.57
C SER A 180 23.99 -29.01 6.45
N GLY A 181 23.05 -29.71 5.82
CA GLY A 181 21.99 -30.40 6.52
C GLY A 181 21.08 -29.47 7.33
N HIS A 182 20.58 -30.00 8.44
CA HIS A 182 19.63 -29.26 9.26
C HIS A 182 20.29 -28.05 9.90
N LEU A 183 21.55 -28.19 10.34
CA LEU A 183 22.25 -27.06 10.96
C LEU A 183 22.34 -25.87 10.02
N GLU A 184 22.67 -26.13 8.75
CA GLU A 184 22.66 -25.04 7.77
C GLU A 184 21.32 -24.34 7.73
N THR A 185 20.22 -25.13 7.72
CA THR A 185 18.89 -24.54 7.70
C THR A 185 18.66 -23.65 8.92
N VAL A 186 19.14 -24.09 10.09
CA VAL A 186 18.93 -23.32 11.32
C VAL A 186 19.71 -22.00 11.25
N ILE A 187 21.00 -22.08 10.94
CA ILE A 187 21.84 -20.88 10.95
C ILE A 187 21.37 -19.86 9.92
N LEU A 188 21.11 -20.31 8.69
CA LEU A 188 20.65 -19.38 7.67
C LEU A 188 19.31 -18.76 8.06
N GLY A 189 18.40 -19.56 8.62
CA GLY A 189 17.16 -19.01 9.11
C GLY A 189 17.37 -17.92 10.14
N LEU A 190 18.31 -18.12 11.06
CA LEU A 190 18.58 -17.13 12.10
C LEU A 190 19.15 -15.84 11.52
N LEU A 191 19.86 -15.93 10.40
CA LEU A 191 20.49 -14.74 9.82
C LEU A 191 19.48 -13.80 9.17
N LYS A 192 18.31 -14.29 8.80
CA LYS A 192 17.28 -13.45 8.20
C LYS A 192 16.53 -12.67 9.26
N THR A 193 16.09 -11.47 8.90
CA THR A 193 15.20 -10.74 9.78
C THR A 193 13.88 -11.51 9.92
N PRO A 194 13.09 -11.20 10.95
CA PRO A 194 11.81 -11.92 11.10
C PRO A 194 10.93 -11.87 9.86
N ALA A 195 10.81 -10.71 9.23
CA ALA A 195 10.00 -10.59 8.02
C ALA A 195 10.63 -11.30 6.84
N GLN A 196 11.95 -11.20 6.70
CA GLN A 196 12.65 -11.91 5.63
C GLN A 196 12.47 -13.42 5.77
N TYR A 197 12.70 -13.95 6.97
CA TYR A 197 12.53 -15.38 7.22
C TYR A 197 11.11 -15.83 6.87
N ASP A 198 10.10 -15.10 7.36
CA ASP A 198 8.71 -15.48 7.10
C ASP A 198 8.36 -15.38 5.63
N ALA A 199 8.88 -14.36 4.94
CA ALA A 199 8.62 -14.24 3.51
C ALA A 199 9.22 -15.42 2.75
N SER A 200 10.42 -15.83 3.12
CA SER A 200 11.06 -16.93 2.40
C SER A 200 10.40 -18.27 2.73
N GLU A 201 9.97 -18.46 3.97
CA GLU A 201 9.22 -19.67 4.32
C GLU A 201 7.89 -19.71 3.55
N LEU A 202 7.22 -18.57 3.43
CA LEU A 202 5.98 -18.51 2.65
C LEU A 202 6.25 -18.88 1.20
N LYS A 203 7.29 -18.30 0.60
CA LYS A 203 7.60 -18.58 -0.80
C LYS A 203 7.94 -20.05 -1.01
N ALA A 204 8.71 -20.63 -0.09
CA ALA A 204 9.06 -22.05 -0.23
C ALA A 204 7.82 -22.93 -0.13
N SER A 205 6.87 -22.58 0.75
CA SER A 205 5.64 -23.36 0.87
C SER A 205 4.79 -23.32 -0.40
N MET A 206 5.07 -22.40 -1.32
CA MET A 206 4.31 -22.29 -2.56
C MET A 206 5.13 -22.62 -3.81
N LYS A 207 6.35 -23.15 -3.65
CA LYS A 207 7.14 -23.58 -4.78
C LYS A 207 6.55 -24.84 -5.39
N GLY A 208 6.68 -24.95 -6.72
CA GLY A 208 6.16 -26.10 -7.44
C GLY A 208 4.65 -26.02 -7.60
N LEU A 209 4.09 -27.12 -8.11
CA LEU A 209 2.65 -27.21 -8.29
C LEU A 209 1.95 -27.51 -6.97
N GLY A 210 2.49 -28.42 -6.17
CA GLY A 210 1.92 -28.74 -4.88
C GLY A 210 2.41 -27.77 -3.82
N THR A 211 1.48 -27.28 -3.01
CA THR A 211 1.82 -26.31 -1.97
C THR A 211 1.83 -26.99 -0.61
N ASP A 212 2.69 -26.48 0.27
CA ASP A 212 2.80 -26.96 1.65
C ASP A 212 1.78 -26.19 2.48
N GLU A 213 0.53 -26.66 2.44
CA GLU A 213 -0.56 -25.97 3.12
C GLU A 213 -0.33 -25.89 4.62
N ASP A 214 0.38 -26.85 5.20
N ASP A 214 0.39 -26.87 5.18
CA ASP A 214 0.63 -26.82 6.64
CA ASP A 214 0.68 -26.88 6.60
C ASP A 214 1.50 -25.63 7.04
C ASP A 214 1.47 -25.64 7.00
N SER A 215 2.56 -25.37 6.28
CA SER A 215 3.43 -24.24 6.62
C SER A 215 2.75 -22.90 6.28
N LEU A 216 2.06 -22.85 5.14
CA LEU A 216 1.26 -21.67 4.82
C LEU A 216 0.28 -21.36 5.94
N ILE A 217 -0.47 -22.36 6.40
CA ILE A 217 -1.44 -22.16 7.47
C ILE A 217 -0.74 -21.69 8.75
N GLU A 218 0.37 -22.33 9.10
CA GLU A 218 1.04 -22.02 10.37
C GLU A 218 1.45 -20.55 10.43
N ILE A 219 1.99 -20.02 9.34
CA ILE A 219 2.52 -18.66 9.34
C ILE A 219 1.39 -17.64 9.23
N ILE A 220 0.47 -17.86 8.30
CA ILE A 220 -0.60 -16.90 8.08
C ILE A 220 -1.51 -16.84 9.32
N CYS A 221 -1.73 -17.98 9.98
CA CYS A 221 -2.68 -17.99 11.09
C CYS A 221 -2.08 -17.43 12.37
N SER A 222 -0.75 -17.46 12.52
CA SER A 222 -0.14 -17.09 13.78
C SER A 222 0.43 -15.67 13.80
N ARG A 223 0.62 -15.04 12.66
CA ARG A 223 1.27 -13.74 12.64
C ARG A 223 0.28 -12.61 12.90
N THR A 224 0.76 -11.56 13.57
CA THR A 224 -0.07 -10.43 13.94
C THR A 224 -0.19 -9.44 12.77
N ASN A 225 -1.06 -8.44 12.95
CA ASN A 225 -1.20 -7.35 11.97
C ASN A 225 0.16 -6.72 11.65
N GLN A 226 0.90 -6.32 12.69
CA GLN A 226 2.19 -5.67 12.48
C GLN A 226 3.14 -6.58 11.72
N GLU A 227 3.22 -7.86 12.10
CA GLU A 227 4.12 -8.79 11.44
C GLU A 227 3.68 -9.03 9.99
N LEU A 228 2.37 -9.15 9.76
CA LEU A 228 1.91 -9.40 8.39
C LEU A 228 2.11 -8.17 7.52
N GLN A 229 1.99 -6.97 8.09
CA GLN A 229 2.25 -5.75 7.33
C GLN A 229 3.67 -5.75 6.78
N GLU A 230 4.64 -6.06 7.65
CA GLU A 230 6.04 -6.03 7.23
C GLU A 230 6.37 -7.19 6.29
N ILE A 231 5.76 -8.35 6.52
CA ILE A 231 5.98 -9.50 5.65
C ILE A 231 5.56 -9.15 4.22
N ASN A 232 4.33 -8.62 4.07
CA ASN A 232 3.86 -8.20 2.75
C ASN A 232 4.84 -7.25 2.08
N ARG A 233 5.39 -6.32 2.86
CA ARG A 233 6.35 -5.35 2.32
C ARG A 233 7.61 -6.05 1.83
N VAL A 234 8.23 -6.87 2.69
CA VAL A 234 9.50 -7.50 2.35
C VAL A 234 9.31 -8.58 1.28
N TYR A 235 8.16 -9.25 1.26
CA TYR A 235 7.91 -10.29 0.26
C TYR A 235 7.94 -9.72 -1.16
N LYS A 236 7.23 -8.62 -1.39
CA LYS A 236 7.29 -8.00 -2.70
C LYS A 236 8.69 -7.50 -3.01
N GLU A 237 9.40 -7.01 -1.99
CA GLU A 237 10.79 -6.61 -2.18
C GLU A 237 11.64 -7.77 -2.69
N MET A 238 11.55 -8.92 -2.02
CA MET A 238 12.43 -10.03 -2.36
C MET A 238 12.02 -10.71 -3.67
N TYR A 239 10.73 -10.97 -3.87
CA TYR A 239 10.26 -11.83 -4.94
C TYR A 239 9.52 -11.09 -6.05
N LYS A 240 9.47 -9.76 -5.99
CA LYS A 240 8.94 -8.92 -7.08
C LYS A 240 7.48 -9.26 -7.39
N THR A 241 6.73 -9.68 -6.37
CA THR A 241 5.32 -9.97 -6.54
C THR A 241 4.65 -9.88 -5.17
N ASP A 242 3.35 -9.60 -5.19
CA ASP A 242 2.61 -9.52 -3.93
C ASP A 242 2.37 -10.92 -3.37
N LEU A 243 2.53 -11.05 -2.06
CA LEU A 243 2.21 -12.31 -1.41
C LEU A 243 0.77 -12.73 -1.69
N GLU A 244 -0.14 -11.76 -1.73
CA GLU A 244 -1.55 -12.08 -1.98
C GLU A 244 -1.71 -12.82 -3.31
N LYS A 245 -1.05 -12.33 -4.37
CA LYS A 245 -1.18 -12.95 -5.68
C LYS A 245 -0.67 -14.39 -5.67
N ASP A 246 0.52 -14.60 -5.10
CA ASP A 246 1.03 -15.97 -5.00
C ASP A 246 0.09 -16.88 -4.22
N ILE A 247 -0.59 -16.35 -3.21
CA ILE A 247 -1.57 -17.15 -2.47
C ILE A 247 -2.79 -17.43 -3.34
N ILE A 248 -3.26 -16.43 -4.09
CA ILE A 248 -4.37 -16.64 -5.02
C ILE A 248 -4.02 -17.74 -6.02
N SER A 249 -2.76 -17.78 -6.45
CA SER A 249 -2.36 -18.71 -7.49
C SER A 249 -2.25 -20.15 -6.96
N ASP A 250 -2.00 -20.33 -5.67
CA ASP A 250 -1.70 -21.65 -5.12
C ASP A 250 -2.78 -22.16 -4.18
N THR A 251 -3.93 -21.50 -4.08
CA THR A 251 -5.03 -21.98 -3.26
C THR A 251 -6.34 -21.80 -4.04
N SER A 252 -7.39 -22.45 -3.54
CA SER A 252 -8.70 -22.34 -4.16
C SER A 252 -9.77 -22.48 -3.08
N GLY A 253 -11.03 -22.37 -3.51
CA GLY A 253 -12.19 -22.52 -2.63
C GLY A 253 -12.17 -21.60 -1.42
N ASP A 254 -12.89 -22.03 -0.39
CA ASP A 254 -12.95 -21.24 0.84
C ASP A 254 -11.59 -21.15 1.52
N PHE A 255 -10.72 -22.14 1.28
CA PHE A 255 -9.37 -22.06 1.85
C PHE A 255 -8.64 -20.83 1.32
N ARG A 256 -8.77 -20.53 0.03
CA ARG A 256 -8.18 -19.33 -0.52
C ARG A 256 -8.76 -18.09 0.14
N LYS A 257 -10.09 -18.04 0.28
CA LYS A 257 -10.75 -16.91 0.93
C LYS A 257 -10.16 -16.64 2.30
N LEU A 258 -10.01 -17.70 3.11
CA LEU A 258 -9.50 -17.52 4.46
C LEU A 258 -8.03 -17.07 4.47
N MET A 259 -7.20 -17.66 3.62
CA MET A 259 -5.79 -17.30 3.62
C MET A 259 -5.57 -15.88 3.11
N VAL A 260 -6.32 -15.45 2.11
CA VAL A 260 -6.17 -14.08 1.61
C VAL A 260 -6.60 -13.08 2.67
N ALA A 261 -7.74 -13.33 3.32
CA ALA A 261 -8.24 -12.42 4.35
C ALA A 261 -7.26 -12.30 5.52
N LEU A 262 -6.72 -13.42 5.99
CA LEU A 262 -5.76 -13.37 7.09
C LEU A 262 -4.46 -12.70 6.67
N ALA A 263 -3.99 -12.97 5.45
CA ALA A 263 -2.70 -12.45 5.01
C ALA A 263 -2.68 -10.94 4.91
N LYS A 264 -3.83 -10.30 4.80
CA LYS A 264 -3.85 -8.84 4.68
C LYS A 264 -3.38 -8.16 5.96
N GLY A 265 -3.47 -8.85 7.09
CA GLY A 265 -3.09 -8.26 8.37
C GLY A 265 -3.86 -6.99 8.66
N ARG A 266 -5.18 -7.04 8.44
CA ARG A 266 -6.08 -5.92 8.66
C ARG A 266 -7.10 -6.24 9.75
N ARG A 267 -6.80 -7.21 10.60
CA ARG A 267 -7.68 -7.50 11.73
C ARG A 267 -7.87 -6.25 12.57
N ALA A 268 -9.09 -6.06 13.09
CA ALA A 268 -9.34 -4.93 13.98
C ALA A 268 -8.42 -5.00 15.20
N GLU A 269 -7.93 -3.85 15.62
CA GLU A 269 -7.08 -3.77 16.79
C GLU A 269 -7.91 -3.88 18.07
N ASP A 270 -7.29 -4.38 19.13
N ASP A 270 -7.30 -4.42 19.12
CA ASP A 270 -7.97 -4.56 20.40
CA ASP A 270 -7.99 -4.55 20.40
C ASP A 270 -8.35 -3.21 20.98
C ASP A 270 -8.36 -3.18 20.93
N GLY A 271 -9.65 -2.99 21.20
CA GLY A 271 -10.13 -1.73 21.70
C GLY A 271 -9.95 -1.55 23.19
N SER A 272 -10.37 -0.38 23.66
CA SER A 272 -10.36 -0.11 25.10
C SER A 272 -11.61 -0.65 25.77
N VAL A 273 -12.72 -0.78 25.03
CA VAL A 273 -13.99 -1.20 25.59
C VAL A 273 -14.32 -2.59 25.09
N ILE A 274 -14.77 -3.43 26.01
CA ILE A 274 -15.34 -4.73 25.69
C ILE A 274 -16.74 -4.53 25.13
N ASP A 275 -17.01 -5.12 23.96
CA ASP A 275 -18.29 -4.93 23.29
C ASP A 275 -19.15 -6.18 23.54
N TYR A 276 -19.82 -6.19 24.71
CA TYR A 276 -20.54 -7.38 25.15
C TYR A 276 -21.69 -7.73 24.19
N GLU A 277 -22.38 -6.73 23.67
CA GLU A 277 -23.47 -7.01 22.74
C GLU A 277 -22.95 -7.71 21.49
N LEU A 278 -21.80 -7.26 20.98
CA LEU A 278 -21.24 -7.87 19.78
C LEU A 278 -20.66 -9.23 20.09
N ILE A 279 -20.08 -9.42 21.28
CA ILE A 279 -19.60 -10.74 21.67
C ILE A 279 -20.72 -11.76 21.56
N ASP A 280 -21.88 -11.43 22.14
CA ASP A 280 -23.02 -12.34 22.07
C ASP A 280 -23.53 -12.48 20.64
N GLN A 281 -23.64 -11.37 19.90
CA GLN A 281 -24.16 -11.47 18.54
C GLN A 281 -23.21 -12.27 17.64
N ASP A 282 -21.90 -12.02 17.74
CA ASP A 282 -20.94 -12.82 16.99
C ASP A 282 -21.07 -14.30 17.36
N ALA A 283 -21.19 -14.61 18.65
CA ALA A 283 -21.33 -16.01 19.06
C ALA A 283 -22.56 -16.64 18.44
N ARG A 284 -23.70 -15.96 18.58
CA ARG A 284 -24.94 -16.40 17.95
C ARG A 284 -24.76 -16.61 16.45
N ASP A 285 -24.03 -15.70 15.78
CA ASP A 285 -23.85 -15.81 14.33
C ASP A 285 -22.98 -17.00 13.96
N LEU A 286 -21.97 -17.32 14.77
CA LEU A 286 -21.14 -18.50 14.48
C LEU A 286 -21.94 -19.78 14.62
N TYR A 287 -22.85 -19.81 15.61
CA TYR A 287 -23.68 -20.99 15.82
C TYR A 287 -24.67 -21.17 14.68
N ASP A 288 -25.40 -20.10 14.35
CA ASP A 288 -26.41 -20.18 13.28
C ASP A 288 -25.77 -20.56 11.96
N ALA A 289 -24.52 -20.14 11.73
CA ALA A 289 -23.86 -20.40 10.46
C ALA A 289 -23.29 -21.80 10.36
N GLY A 290 -23.35 -22.60 11.43
CA GLY A 290 -22.72 -23.90 11.39
C GLY A 290 -23.49 -25.04 12.04
N VAL A 291 -23.23 -25.27 13.33
CA VAL A 291 -23.76 -26.43 14.03
C VAL A 291 -25.28 -26.39 14.10
N LYS A 292 -25.87 -25.20 14.11
CA LYS A 292 -27.33 -25.13 14.19
C LYS A 292 -27.99 -25.62 12.90
N ARG A 293 -27.32 -25.51 11.76
CA ARG A 293 -27.94 -25.73 10.47
C ARG A 293 -27.27 -26.89 9.74
N LYS A 294 -28.02 -27.42 8.78
CA LYS A 294 -27.44 -28.30 7.77
C LYS A 294 -26.60 -27.46 6.83
N GLY A 295 -25.40 -27.96 6.52
CA GLY A 295 -24.43 -27.16 5.79
C GLY A 295 -23.82 -26.09 6.67
N THR A 296 -22.91 -25.31 6.07
CA THR A 296 -22.15 -24.31 6.79
C THR A 296 -22.08 -23.03 5.97
N ASP A 297 -22.26 -21.89 6.65
CA ASP A 297 -22.02 -20.57 6.05
C ASP A 297 -20.58 -20.16 6.37
N VAL A 298 -19.65 -20.66 5.56
CA VAL A 298 -18.23 -20.44 5.78
C VAL A 298 -17.83 -18.97 5.65
N PRO A 299 -18.32 -18.20 4.67
CA PRO A 299 -17.99 -16.76 4.65
C PRO A 299 -18.32 -16.04 5.95
N LYS A 300 -19.37 -16.48 6.68
CA LYS A 300 -19.68 -15.85 7.94
C LYS A 300 -18.63 -16.18 8.99
N TRP A 301 -18.19 -17.43 9.04
CA TRP A 301 -17.06 -17.80 9.89
C TRP A 301 -15.82 -16.99 9.51
N ILE A 302 -15.47 -17.00 8.23
CA ILE A 302 -14.28 -16.27 7.78
C ILE A 302 -14.36 -14.81 8.19
N SER A 303 -15.54 -14.21 8.00
CA SER A 303 -15.70 -12.78 8.27
C SER A 303 -15.45 -12.48 9.75
N ILE A 304 -16.11 -13.22 10.63
CA ILE A 304 -15.99 -12.96 12.06
C ILE A 304 -14.57 -13.27 12.56
N MET A 305 -13.99 -14.39 12.13
CA MET A 305 -12.75 -14.86 12.72
C MET A 305 -11.52 -14.14 12.18
N THR A 306 -11.63 -13.43 11.07
CA THR A 306 -10.52 -12.66 10.55
C THR A 306 -10.64 -11.18 10.83
N GLU A 307 -11.82 -10.69 11.22
CA GLU A 307 -12.05 -9.26 11.33
C GLU A 307 -12.09 -8.76 12.76
N ARG A 308 -12.56 -9.55 13.71
CA ARG A 308 -12.59 -9.11 15.09
C ARG A 308 -11.21 -9.23 15.72
N SER A 309 -10.94 -8.36 16.69
CA SER A 309 -9.70 -8.44 17.44
C SER A 309 -9.62 -9.76 18.20
N VAL A 310 -8.39 -10.14 18.55
CA VAL A 310 -8.17 -11.40 19.27
C VAL A 310 -8.88 -11.41 20.62
N PRO A 311 -8.69 -10.42 21.51
CA PRO A 311 -9.39 -10.50 22.81
C PRO A 311 -10.91 -10.58 22.66
N HIS A 312 -11.47 -9.92 21.64
CA HIS A 312 -12.89 -10.05 21.36
C HIS A 312 -13.26 -11.49 21.02
N LEU A 313 -12.50 -12.11 20.11
CA LEU A 313 -12.80 -13.46 19.69
C LEU A 313 -12.61 -14.48 20.81
N GLN A 314 -11.67 -14.25 21.73
CA GLN A 314 -11.58 -15.14 22.88
C GLN A 314 -12.88 -15.14 23.67
N LYS A 315 -13.51 -13.97 23.80
CA LYS A 315 -14.76 -13.89 24.54
C LYS A 315 -15.94 -14.44 23.74
N VAL A 316 -15.95 -14.30 22.40
CA VAL A 316 -17.07 -14.89 21.67
C VAL A 316 -16.96 -16.41 21.68
N PHE A 317 -15.74 -16.96 21.72
CA PHE A 317 -15.63 -18.42 21.74
C PHE A 317 -16.14 -18.98 23.06
N ASP A 318 -15.98 -18.24 24.16
N ASP A 318 -15.97 -18.27 24.17
CA ASP A 318 -16.53 -18.66 25.44
CA ASP A 318 -16.58 -18.73 25.42
C ASP A 318 -18.05 -18.49 25.47
C ASP A 318 -18.09 -18.55 25.39
N ARG A 319 -18.57 -17.42 24.86
CA ARG A 319 -20.00 -17.20 24.80
C ARG A 319 -20.65 -18.15 23.80
N TYR A 320 -19.92 -18.49 22.73
CA TYR A 320 -20.34 -19.54 21.81
C TYR A 320 -20.68 -20.85 22.52
N LYS A 321 -19.99 -21.17 23.62
CA LYS A 321 -20.31 -22.39 24.34
C LYS A 321 -21.68 -22.34 24.99
N SER A 322 -22.23 -21.14 25.20
CA SER A 322 -23.58 -21.05 25.74
C SER A 322 -24.62 -21.46 24.70
N TYR A 323 -24.31 -21.32 23.42
CA TYR A 323 -25.26 -21.58 22.34
C TYR A 323 -25.11 -22.96 21.73
N SER A 324 -23.89 -23.48 21.68
CA SER A 324 -23.58 -24.72 20.98
C SER A 324 -23.16 -25.79 21.98
N PRO A 325 -23.57 -27.05 21.79
CA PRO A 325 -23.06 -28.13 22.66
C PRO A 325 -21.62 -28.49 22.37
N TYR A 326 -21.06 -28.04 21.26
CA TYR A 326 -19.65 -28.23 20.93
C TYR A 326 -18.94 -26.89 21.01
N ASP A 327 -17.68 -26.92 21.43
CA ASP A 327 -16.92 -25.67 21.43
C ASP A 327 -16.44 -25.37 20.01
N MET A 328 -15.73 -24.24 19.85
CA MET A 328 -15.35 -23.79 18.52
C MET A 328 -14.51 -24.84 17.79
N LEU A 329 -13.53 -25.42 18.48
CA LEU A 329 -12.68 -26.45 17.84
C LEU A 329 -13.52 -27.66 17.42
N GLU A 330 -14.34 -28.18 18.33
CA GLU A 330 -15.20 -29.30 17.99
C GLU A 330 -16.17 -28.95 16.85
N SER A 331 -16.72 -27.74 16.88
CA SER A 331 -17.63 -27.34 15.81
C SER A 331 -16.91 -27.29 14.46
N ILE A 332 -15.64 -26.90 14.46
CA ILE A 332 -14.88 -26.84 13.20
C ILE A 332 -14.73 -28.25 12.63
N ARG A 333 -14.34 -29.21 13.46
CA ARG A 333 -14.20 -30.59 12.98
C ARG A 333 -15.53 -31.15 12.52
N LYS A 334 -16.62 -30.75 13.14
CA LYS A 334 -17.92 -31.28 12.75
C LYS A 334 -18.42 -30.66 11.46
N GLU A 335 -18.12 -29.38 11.24
CA GLU A 335 -18.74 -28.62 10.16
C GLU A 335 -17.99 -28.72 8.83
N VAL A 336 -16.68 -28.91 8.86
CA VAL A 336 -15.84 -28.58 7.71
C VAL A 336 -14.66 -29.55 7.66
N LYS A 337 -14.02 -29.65 6.49
CA LYS A 337 -13.01 -30.67 6.25
C LYS A 337 -11.85 -30.09 5.44
N GLY A 338 -10.80 -30.91 5.28
CA GLY A 338 -9.72 -30.58 4.37
C GLY A 338 -8.82 -29.45 4.87
N ASP A 339 -8.22 -28.73 3.93
CA ASP A 339 -7.34 -27.60 4.27
C ASP A 339 -8.11 -26.50 4.97
N LEU A 340 -9.40 -26.35 4.65
CA LEU A 340 -10.21 -25.36 5.34
C LEU A 340 -10.37 -25.71 6.81
N GLU A 341 -10.62 -26.99 7.11
CA GLU A 341 -10.72 -27.41 8.50
C GLU A 341 -9.40 -27.17 9.23
N ASN A 342 -8.30 -27.59 8.61
CA ASN A 342 -7.00 -27.38 9.24
C ASN A 342 -6.76 -25.90 9.52
N ALA A 343 -7.09 -25.05 8.56
CA ALA A 343 -6.84 -23.62 8.71
C ALA A 343 -7.65 -23.03 9.86
N PHE A 344 -8.93 -23.37 9.94
CA PHE A 344 -9.75 -22.87 11.03
C PHE A 344 -9.24 -23.38 12.38
N LEU A 345 -8.84 -24.65 12.45
CA LEU A 345 -8.33 -25.20 13.69
C LEU A 345 -7.06 -24.48 14.12
N ASN A 346 -6.11 -24.28 13.20
CA ASN A 346 -4.90 -23.53 13.55
C ASN A 346 -5.24 -22.12 13.98
N LEU A 347 -6.22 -21.51 13.32
CA LEU A 347 -6.55 -20.12 13.61
C LEU A 347 -7.09 -19.95 15.01
N VAL A 348 -8.13 -20.72 15.38
CA VAL A 348 -8.72 -20.44 16.70
C VAL A 348 -7.84 -20.96 17.82
N GLN A 349 -6.90 -21.88 17.53
CA GLN A 349 -5.84 -22.17 18.50
C GLN A 349 -4.96 -20.96 18.73
N CYS A 350 -4.61 -20.25 17.65
CA CYS A 350 -3.77 -19.07 17.78
C CYS A 350 -4.50 -17.95 18.50
N ILE A 351 -5.82 -17.86 18.31
CA ILE A 351 -6.62 -16.88 19.03
C ILE A 351 -6.72 -17.25 20.50
N GLN A 352 -6.99 -18.52 20.79
CA GLN A 352 -7.25 -18.93 22.18
C GLN A 352 -5.97 -18.95 23.01
N ASN A 353 -4.91 -19.59 22.50
CA ASN A 353 -3.66 -19.69 23.28
C ASN A 353 -2.55 -20.00 22.27
N LYS A 354 -1.87 -18.94 21.83
CA LYS A 354 -0.86 -19.06 20.77
C LYS A 354 0.38 -19.80 21.28
N PRO A 355 0.90 -19.54 22.49
CA PRO A 355 2.03 -20.35 22.97
C PRO A 355 1.70 -21.82 23.07
N LEU A 356 0.47 -22.17 23.48
CA LEU A 356 0.06 -23.56 23.51
C LEU A 356 -0.03 -24.12 22.09
N TYR A 357 -0.53 -23.31 21.14
CA TYR A 357 -0.56 -23.73 19.75
C TYR A 357 0.84 -24.15 19.28
N PHE A 358 1.85 -23.31 19.52
CA PHE A 358 3.21 -23.66 19.10
C PHE A 358 3.73 -24.84 19.92
N ALA A 359 3.39 -24.91 21.21
CA ALA A 359 3.81 -26.07 22.00
C ALA A 359 3.28 -27.37 21.39
N ASP A 360 2.00 -27.39 21.00
CA ASP A 360 1.45 -28.60 20.38
C ASP A 360 2.08 -28.88 19.01
N ARG A 361 2.37 -27.83 18.26
CA ARG A 361 3.00 -28.03 16.94
C ARG A 361 4.40 -28.61 17.15
N LEU A 362 5.14 -28.15 18.14
CA LEU A 362 6.44 -28.72 18.46
C LEU A 362 6.32 -30.18 18.88
N TYR A 363 5.35 -30.48 19.76
CA TYR A 363 5.17 -31.87 20.17
C TYR A 363 4.82 -32.76 18.99
N ASP A 364 3.93 -32.30 18.09
CA ASP A 364 3.56 -33.08 16.93
C ASP A 364 4.76 -33.33 16.01
N SER A 365 5.72 -32.39 15.98
CA SER A 365 6.87 -32.54 15.10
C SER A 365 7.84 -33.59 15.61
N MET A 366 7.77 -33.94 16.90
CA MET A 366 8.71 -34.89 17.47
C MET A 366 8.09 -36.13 18.06
N LYS A 367 6.76 -36.19 18.19
CA LYS A 367 6.16 -37.24 19.00
C LYS A 367 6.38 -38.63 18.40
N GLY A 368 6.42 -38.75 17.07
CA GLY A 368 6.45 -40.06 16.44
C GLY A 368 7.82 -40.43 15.88
N LYS A 369 7.82 -41.27 14.84
CA LYS A 369 9.07 -41.68 14.21
C LYS A 369 9.74 -40.50 13.52
N GLY A 370 11.02 -40.30 13.78
CA GLY A 370 11.73 -39.18 13.17
C GLY A 370 11.24 -37.82 13.66
N THR A 371 11.51 -36.81 12.84
CA THR A 371 11.23 -35.42 13.19
C THR A 371 10.72 -34.69 11.96
N ARG A 372 9.73 -33.82 12.16
CA ARG A 372 9.35 -32.85 11.12
C ARG A 372 10.23 -31.62 11.33
N ASP A 373 11.48 -31.73 10.84
CA ASP A 373 12.50 -30.73 11.13
C ASP A 373 12.13 -29.35 10.60
N LYS A 374 11.49 -29.26 9.44
CA LYS A 374 11.10 -27.96 8.92
C LYS A 374 10.19 -27.22 9.88
N VAL A 375 9.31 -27.95 10.56
CA VAL A 375 8.41 -27.33 11.52
C VAL A 375 9.16 -26.95 12.79
N LEU A 376 9.91 -27.91 13.34
CA LEU A 376 10.69 -27.66 14.54
C LEU A 376 11.63 -26.46 14.35
N ILE A 377 12.38 -26.46 13.24
CA ILE A 377 13.35 -25.40 13.01
C ILE A 377 12.68 -24.05 12.89
N ARG A 378 11.58 -23.98 12.14
CA ARG A 378 10.91 -22.71 11.91
C ARG A 378 10.34 -22.12 13.19
N ILE A 379 9.81 -22.98 14.07
CA ILE A 379 9.26 -22.47 15.31
C ILE A 379 10.38 -22.01 16.24
N MET A 380 11.43 -22.83 16.36
CA MET A 380 12.55 -22.45 17.22
C MET A 380 13.17 -21.14 16.75
N VAL A 381 13.30 -20.94 15.44
CA VAL A 381 13.92 -19.73 14.92
C VAL A 381 12.99 -18.53 15.08
N SER A 382 11.73 -18.67 14.67
CA SER A 382 10.82 -17.52 14.58
C SER A 382 10.22 -17.11 15.92
N ARG A 383 10.20 -17.99 16.92
CA ARG A 383 9.59 -17.65 18.20
C ARG A 383 10.59 -17.44 19.31
N SER A 384 11.88 -17.65 19.05
CA SER A 384 12.90 -17.56 20.09
C SER A 384 13.00 -16.16 20.69
N GLU A 385 12.62 -15.13 19.94
CA GLU A 385 12.64 -13.76 20.45
C GLU A 385 11.23 -13.21 20.69
N VAL A 386 10.22 -14.08 20.66
CA VAL A 386 8.84 -13.66 20.83
C VAL A 386 8.26 -14.23 22.11
N ASP A 387 7.91 -15.52 22.11
CA ASP A 387 7.21 -16.09 23.25
C ASP A 387 7.73 -17.48 23.64
N MET A 388 8.99 -17.78 23.37
CA MET A 388 9.51 -19.11 23.62
C MET A 388 9.41 -19.50 25.10
N LEU A 389 9.52 -18.54 26.02
CA LEU A 389 9.35 -18.88 27.44
C LEU A 389 7.92 -19.33 27.74
N LYS A 390 6.93 -18.68 27.14
CA LYS A 390 5.55 -19.10 27.32
C LYS A 390 5.32 -20.46 26.68
N ILE A 391 5.84 -20.67 25.46
CA ILE A 391 5.74 -21.96 24.80
C ILE A 391 6.30 -23.05 25.69
N ARG A 392 7.44 -22.79 26.32
CA ARG A 392 8.06 -23.80 27.16
C ARG A 392 7.24 -24.07 28.41
N SER A 393 6.57 -23.05 28.93
CA SER A 393 5.73 -23.24 30.10
C SER A 393 4.48 -24.06 29.76
N GLU A 394 3.88 -23.80 28.59
CA GLU A 394 2.73 -24.59 28.15
C GLU A 394 3.15 -26.00 27.82
N PHE A 395 4.31 -26.17 27.17
CA PHE A 395 4.80 -27.49 26.83
C PHE A 395 5.00 -28.32 28.09
N LYS A 396 5.71 -27.77 29.06
CA LYS A 396 6.02 -28.51 30.29
C LYS A 396 4.75 -28.82 31.07
N ARG A 397 3.82 -27.88 31.15
CA ARG A 397 2.58 -28.12 31.88
C ARG A 397 1.76 -29.24 31.24
N LYS A 398 1.61 -29.20 29.91
CA LYS A 398 0.77 -30.18 29.22
C LYS A 398 1.44 -31.55 29.10
N TYR A 399 2.72 -31.58 28.73
CA TYR A 399 3.38 -32.84 28.40
C TYR A 399 4.25 -33.38 29.52
N GLY A 400 4.43 -32.63 30.61
CA GLY A 400 5.07 -33.16 31.79
C GLY A 400 6.58 -33.21 31.75
N LYS A 401 7.19 -33.04 30.57
CA LYS A 401 8.64 -32.89 30.45
C LYS A 401 8.91 -31.64 29.64
N SER A 402 10.14 -31.15 29.73
CA SER A 402 10.49 -29.89 29.09
C SER A 402 10.54 -30.04 27.57
N LEU A 403 10.37 -28.90 26.88
CA LEU A 403 10.67 -28.84 25.45
C LEU A 403 12.12 -29.26 25.19
N TYR A 404 13.04 -28.79 26.02
CA TYR A 404 14.45 -29.16 25.95
C TYR A 404 14.63 -30.69 25.88
N TYR A 405 13.97 -31.40 26.79
CA TYR A 405 14.07 -32.87 26.82
C TYR A 405 13.65 -33.49 25.49
N TYR A 406 12.54 -33.04 24.92
CA TYR A 406 12.07 -33.61 23.66
C TYR A 406 13.04 -33.29 22.53
N ILE A 407 13.52 -32.04 22.44
CA ILE A 407 14.51 -31.69 21.42
C ILE A 407 15.74 -32.55 21.56
N GLN A 408 16.20 -32.76 22.80
CA GLN A 408 17.40 -33.53 23.04
C GLN A 408 17.25 -34.98 22.57
N GLN A 409 16.07 -35.58 22.80
CA GLN A 409 15.84 -36.95 22.35
C GLN A 409 15.77 -37.05 20.83
N ASP A 410 15.24 -36.03 20.17
CA ASP A 410 14.88 -36.15 18.75
C ASP A 410 15.95 -35.65 17.80
N THR A 411 16.88 -34.81 18.26
CA THR A 411 17.92 -34.28 17.38
C THR A 411 19.27 -34.57 18.00
N LYS A 412 20.29 -34.63 17.16
CA LYS A 412 21.65 -34.89 17.60
C LYS A 412 22.61 -33.93 16.90
N GLY A 413 23.86 -33.93 17.37
CA GLY A 413 24.92 -33.17 16.74
C GLY A 413 24.84 -31.67 17.05
N ASP A 414 25.58 -30.91 16.25
CA ASP A 414 25.57 -29.46 16.39
C ASP A 414 24.20 -28.88 16.08
N TYR A 415 23.43 -29.57 15.22
CA TYR A 415 22.02 -29.23 15.01
C TYR A 415 21.28 -29.19 16.35
N GLN A 416 21.36 -30.28 17.12
CA GLN A 416 20.72 -30.31 18.43
C GLN A 416 21.18 -29.16 19.30
N LYS A 417 22.50 -28.94 19.39
CA LYS A 417 23.02 -27.86 20.23
C LYS A 417 22.43 -26.52 19.84
N ALA A 418 22.29 -26.28 18.53
CA ALA A 418 21.69 -25.02 18.08
C ALA A 418 20.25 -24.90 18.56
N LEU A 419 19.47 -25.98 18.41
CA LEU A 419 18.06 -25.93 18.86
C LEU A 419 17.98 -25.79 20.37
N LEU A 420 18.88 -26.44 21.12
CA LEU A 420 18.85 -26.32 22.57
C LEU A 420 19.15 -24.89 23.01
N TYR A 421 20.08 -24.22 22.32
CA TYR A 421 20.37 -22.83 22.65
C TYR A 421 19.18 -21.94 22.37
N LEU A 422 18.52 -22.14 21.23
CA LEU A 422 17.31 -21.39 20.94
C LEU A 422 16.21 -21.70 21.95
N CYS A 423 16.19 -22.91 22.49
CA CYS A 423 15.22 -23.25 23.51
C CYS A 423 15.47 -22.44 24.78
N GLY A 424 16.73 -22.30 25.18
CA GLY A 424 17.12 -21.43 26.27
C GLY A 424 17.32 -22.09 27.62
N GLY A 425 17.15 -23.41 27.71
CA GLY A 425 17.35 -24.13 28.95
C GLY A 425 16.22 -25.08 29.25
N ASP A 426 16.44 -25.89 30.27
CA ASP A 426 15.49 -26.93 30.66
C ASP A 426 14.35 -26.33 31.49
N ASP A 427 13.35 -27.17 31.76
CA ASP A 427 12.24 -26.79 32.63
C ASP A 427 11.93 -27.93 33.60
N PHE B 7 -10.16 5.26 -38.98
CA PHE B 7 -9.35 6.24 -39.69
C PHE B 7 -8.19 5.54 -40.41
N PHE B 8 -8.21 4.22 -40.38
CA PHE B 8 -7.18 3.42 -41.04
C PHE B 8 -7.23 3.64 -42.56
N THR B 9 -6.06 3.59 -43.18
CA THR B 9 -5.93 3.72 -44.62
C THR B 9 -4.65 3.03 -45.06
N ARG B 10 -4.56 2.75 -46.35
CA ARG B 10 -3.36 2.16 -46.93
C ARG B 10 -2.64 3.08 -47.91
N ASN B 11 -3.29 4.14 -48.38
CA ASN B 11 -2.67 5.09 -49.30
C ASN B 11 -2.15 6.28 -48.51
N PRO B 12 -0.86 6.60 -48.60
CA PRO B 12 -0.33 7.72 -47.79
C PRO B 12 -0.88 9.08 -48.20
N SER B 13 -1.36 9.23 -49.45
CA SER B 13 -1.95 10.49 -49.87
C SER B 13 -3.22 10.82 -49.11
N GLU B 14 -3.91 9.82 -48.57
CA GLU B 14 -5.07 10.03 -47.70
C GLU B 14 -4.65 10.26 -46.25
N LEU B 15 -3.62 11.09 -46.04
CA LEU B 15 -3.20 11.51 -44.71
C LEU B 15 -2.99 13.01 -44.71
N LYS B 16 -3.28 13.64 -43.57
CA LYS B 16 -3.21 15.09 -43.47
C LYS B 16 -2.48 15.58 -42.23
N GLY B 17 -1.76 14.70 -41.52
CA GLY B 17 -0.88 15.13 -40.46
C GLY B 17 0.43 15.67 -41.04
N LYS B 18 1.38 15.89 -40.14
CA LYS B 18 2.71 16.31 -40.56
C LYS B 18 3.58 15.09 -40.80
N PHE B 19 4.37 15.14 -41.87
CA PHE B 19 5.28 14.06 -42.23
C PHE B 19 6.71 14.46 -41.91
N ILE B 20 7.40 13.63 -41.13
CA ILE B 20 8.80 13.86 -40.81
C ILE B 20 9.59 12.60 -41.15
N HIS B 21 10.79 12.79 -41.68
CA HIS B 21 11.71 11.70 -41.99
C HIS B 21 12.83 11.68 -40.98
N THR B 22 13.14 10.50 -40.46
CA THR B 22 14.24 10.34 -39.53
C THR B 22 15.06 9.13 -39.90
N LYS B 23 16.36 9.20 -39.64
CA LYS B 23 17.29 8.10 -39.86
C LYS B 23 17.84 7.65 -38.51
N LEU B 24 17.95 6.34 -38.31
CA LEU B 24 18.36 5.77 -37.03
C LEU B 24 19.36 4.65 -37.28
N ARG B 25 20.46 4.66 -36.54
CA ARG B 25 21.46 3.62 -36.62
C ARG B 25 21.20 2.60 -35.51
N LYS B 26 21.03 1.34 -35.89
CA LYS B 26 20.69 0.32 -34.90
C LYS B 26 21.83 0.10 -33.92
N SER B 27 21.51 0.20 -32.63
CA SER B 27 22.49 0.03 -31.58
C SER B 27 22.53 -1.42 -31.12
N SER B 28 23.39 -1.69 -30.11
CA SER B 28 23.45 -3.01 -29.50
C SER B 28 22.16 -3.36 -28.77
N ARG B 29 21.33 -2.37 -28.47
CA ARG B 29 20.05 -2.60 -27.82
C ARG B 29 18.89 -2.16 -28.72
N GLY B 30 19.09 -2.24 -30.03
CA GLY B 30 18.04 -1.91 -30.98
C GLY B 30 17.96 -0.43 -31.30
N PHE B 31 16.84 -0.06 -31.92
CA PHE B 31 16.59 1.33 -32.24
C PHE B 31 16.06 2.12 -31.06
N GLY B 32 15.64 1.43 -30.00
CA GLY B 32 15.24 2.10 -28.79
C GLY B 32 13.81 2.60 -28.76
N PHE B 33 12.86 1.78 -29.22
CA PHE B 33 11.46 2.13 -29.09
C PHE B 33 10.62 0.85 -29.15
N THR B 34 9.40 0.97 -28.63
CA THR B 34 8.42 -0.11 -28.70
C THR B 34 7.30 0.29 -29.65
N VAL B 35 6.81 -0.68 -30.40
CA VAL B 35 5.75 -0.44 -31.37
C VAL B 35 4.50 -1.17 -30.90
N VAL B 36 3.34 -0.66 -31.33
CA VAL B 36 2.05 -1.27 -31.02
C VAL B 36 1.10 -1.00 -32.18
N GLY B 37 0.07 -1.83 -32.29
CA GLY B 37 -0.86 -1.74 -33.40
C GLY B 37 -0.65 -2.83 -34.43
N GLY B 38 -1.31 -2.67 -35.56
CA GLY B 38 -1.23 -3.65 -36.63
C GLY B 38 -1.73 -5.03 -36.24
N ASP B 39 -2.60 -5.11 -35.24
CA ASP B 39 -3.07 -6.38 -34.74
C ASP B 39 -4.35 -6.83 -35.46
N GLU B 40 -5.39 -5.99 -35.42
CA GLU B 40 -6.59 -6.35 -36.15
C GLU B 40 -6.62 -5.64 -37.50
N PRO B 41 -7.11 -6.35 -38.55
CA PRO B 41 -6.93 -5.91 -39.95
C PRO B 41 -6.65 -4.43 -40.17
N ASP B 42 -7.68 -3.60 -40.01
CA ASP B 42 -7.56 -2.15 -40.20
C ASP B 42 -7.02 -1.55 -38.91
N GLU B 43 -5.69 -1.42 -38.83
CA GLU B 43 -5.05 -0.85 -37.65
C GLU B 43 -3.73 -0.20 -38.04
N PHE B 44 -3.53 1.04 -37.62
CA PHE B 44 -2.29 1.76 -37.89
C PHE B 44 -1.14 1.17 -37.07
N LEU B 45 0.04 1.75 -37.26
CA LEU B 45 1.23 1.41 -36.49
C LEU B 45 1.88 2.70 -36.03
N GLN B 46 1.99 2.88 -34.72
CA GLN B 46 2.50 4.11 -34.16
C GLN B 46 3.32 3.81 -32.92
N ILE B 47 4.09 4.80 -32.49
CA ILE B 47 5.02 4.65 -31.38
C ILE B 47 4.38 5.18 -30.11
N LYS B 48 4.30 4.33 -29.09
CA LYS B 48 3.81 4.78 -27.80
C LYS B 48 4.90 5.34 -26.91
N SER B 49 6.09 4.74 -26.92
CA SER B 49 7.16 5.25 -26.08
C SER B 49 8.52 4.97 -26.70
N LEU B 50 9.51 5.69 -26.19
CA LEU B 50 10.89 5.61 -26.61
C LEU B 50 11.74 5.10 -25.45
N VAL B 51 13.06 5.08 -25.65
CA VAL B 51 14.02 4.72 -24.61
C VAL B 51 14.94 5.91 -24.40
N LEU B 52 15.16 6.30 -23.14
CA LEU B 52 15.94 7.50 -22.85
C LEU B 52 17.33 7.43 -23.48
N ASP B 53 18.02 6.32 -23.33
CA ASP B 53 19.35 6.20 -23.91
C ASP B 53 19.30 5.94 -25.41
N GLY B 54 18.21 5.37 -25.90
CA GLY B 54 18.14 4.79 -27.23
C GLY B 54 18.42 5.76 -28.36
N PRO B 55 18.76 5.21 -29.53
CA PRO B 55 18.96 6.05 -30.72
C PRO B 55 17.77 6.93 -31.06
N ALA B 56 16.55 6.37 -30.98
CA ALA B 56 15.37 7.11 -31.41
C ALA B 56 15.16 8.37 -30.58
N ALA B 57 15.29 8.26 -29.26
CA ALA B 57 15.16 9.44 -28.41
C ALA B 57 16.33 10.39 -28.62
N LEU B 58 17.53 9.87 -28.83
CA LEU B 58 18.70 10.72 -29.04
C LEU B 58 18.59 11.50 -30.35
N ASP B 59 17.93 10.95 -31.36
CA ASP B 59 17.76 11.67 -32.61
C ASP B 59 16.79 12.84 -32.46
N GLY B 60 15.81 12.70 -31.58
CA GLY B 60 14.85 13.75 -31.28
C GLY B 60 13.63 13.81 -32.17
N LYS B 61 13.82 13.68 -33.50
CA LYS B 61 12.72 13.89 -34.43
C LYS B 61 11.53 12.98 -34.15
N MET B 62 11.79 11.76 -33.69
CA MET B 62 10.71 10.81 -33.39
C MET B 62 9.96 11.27 -32.15
N GLU B 63 8.70 11.63 -32.31
CA GLU B 63 7.81 11.89 -31.19
C GLU B 63 6.81 10.76 -31.04
N THR B 64 6.30 10.59 -29.82
CA THR B 64 5.33 9.54 -29.58
C THR B 64 3.97 9.92 -30.15
N GLY B 65 3.20 8.91 -30.55
CA GLY B 65 1.97 9.11 -31.26
C GLY B 65 2.10 9.15 -32.77
N ASP B 66 3.30 9.45 -33.28
CA ASP B 66 3.52 9.48 -34.73
C ASP B 66 3.20 8.12 -35.35
N VAL B 67 2.62 8.16 -36.56
CA VAL B 67 2.29 6.95 -37.32
C VAL B 67 3.44 6.57 -38.24
N ILE B 68 3.71 5.27 -38.35
CA ILE B 68 4.76 4.76 -39.22
C ILE B 68 4.19 4.54 -40.61
N VAL B 69 4.57 5.39 -41.55
CA VAL B 69 4.13 5.27 -42.93
C VAL B 69 5.00 4.30 -43.72
N SER B 70 6.31 4.53 -43.73
CA SER B 70 7.21 3.67 -44.50
C SER B 70 8.49 3.44 -43.71
N VAL B 71 9.14 2.33 -44.03
CA VAL B 71 10.39 1.93 -43.43
C VAL B 71 11.34 1.62 -44.58
N ASN B 72 12.35 2.47 -44.76
CA ASN B 72 13.38 2.27 -45.78
C ASN B 72 12.77 1.98 -47.14
N ASP B 73 12.02 2.95 -47.65
CA ASP B 73 11.33 2.92 -48.94
C ASP B 73 10.11 1.98 -48.96
N THR B 74 9.89 1.14 -47.95
CA THR B 74 8.77 0.20 -47.99
C THR B 74 7.60 0.77 -47.19
N CYS B 75 6.53 1.14 -47.89
CA CYS B 75 5.32 1.57 -47.20
C CYS B 75 4.74 0.41 -46.41
N VAL B 76 4.53 0.63 -45.10
CA VAL B 76 4.00 -0.39 -44.22
C VAL B 76 2.61 -0.06 -43.72
N LEU B 77 1.93 0.92 -44.33
CA LEU B 77 0.53 1.17 -44.03
C LEU B 77 -0.29 -0.07 -44.32
N GLY B 78 -0.78 -0.74 -43.28
CA GLY B 78 -1.54 -1.95 -43.45
C GLY B 78 -0.76 -3.23 -43.34
N HIS B 79 0.53 -3.15 -43.02
CA HIS B 79 1.30 -4.35 -42.74
C HIS B 79 0.95 -4.89 -41.36
N THR B 80 1.31 -6.15 -41.13
CA THR B 80 1.05 -6.78 -39.85
C THR B 80 2.16 -6.47 -38.84
N HIS B 81 1.78 -6.52 -37.56
CA HIS B 81 2.71 -6.29 -36.47
C HIS B 81 3.96 -7.16 -36.61
N ALA B 82 3.78 -8.44 -36.87
CA ALA B 82 4.92 -9.35 -37.00
C ALA B 82 5.76 -9.02 -38.23
N GLN B 83 5.16 -8.43 -39.26
CA GLN B 83 5.90 -8.16 -40.49
C GLN B 83 6.86 -7.00 -40.31
N VAL B 84 6.39 -5.88 -39.75
CA VAL B 84 7.28 -4.74 -39.61
C VAL B 84 8.27 -4.96 -38.49
N VAL B 85 7.90 -5.73 -37.46
CA VAL B 85 8.85 -6.07 -36.41
C VAL B 85 10.00 -6.90 -36.98
N LYS B 86 9.69 -7.81 -37.90
CA LYS B 86 10.75 -8.57 -38.55
C LYS B 86 11.64 -7.67 -39.41
N ILE B 87 11.07 -6.60 -39.98
CA ILE B 87 11.89 -5.66 -40.75
C ILE B 87 12.95 -5.03 -39.85
N PHE B 88 12.52 -4.50 -38.70
CA PHE B 88 13.47 -3.84 -37.81
C PHE B 88 14.46 -4.83 -37.22
N GLN B 89 14.00 -6.02 -36.84
CA GLN B 89 14.88 -7.00 -36.23
C GLN B 89 15.88 -7.58 -37.20
N SER B 90 15.60 -7.54 -38.50
CA SER B 90 16.53 -8.02 -39.50
C SER B 90 17.70 -7.08 -39.74
N ILE B 91 17.61 -5.84 -39.28
CA ILE B 91 18.68 -4.86 -39.47
C ILE B 91 19.87 -5.25 -38.59
N PRO B 92 21.07 -5.38 -39.13
CA PRO B 92 22.23 -5.65 -38.28
C PRO B 92 22.62 -4.42 -37.45
N ILE B 93 23.39 -4.69 -36.39
CA ILE B 93 23.95 -3.61 -35.58
C ILE B 93 24.79 -2.71 -36.47
N GLY B 94 24.68 -1.40 -36.25
CA GLY B 94 25.42 -0.43 -37.04
C GLY B 94 24.78 -0.06 -38.35
N ALA B 95 23.83 -0.85 -38.84
CA ALA B 95 23.11 -0.48 -40.05
C ALA B 95 22.07 0.60 -39.74
N SER B 96 21.69 1.32 -40.77
CA SER B 96 20.83 2.48 -40.65
C SER B 96 19.48 2.21 -41.30
N VAL B 97 18.44 2.82 -40.75
CA VAL B 97 17.08 2.68 -41.28
C VAL B 97 16.46 4.07 -41.36
N ASP B 98 15.67 4.29 -42.40
CA ASP B 98 14.90 5.52 -42.56
C ASP B 98 13.44 5.25 -42.20
N LEU B 99 12.87 6.10 -41.37
CA LEU B 99 11.47 6.01 -40.98
C LEU B 99 10.74 7.25 -41.48
N GLU B 100 9.65 7.03 -42.21
CA GLU B 100 8.71 8.10 -42.51
C GLU B 100 7.63 8.08 -41.45
N LEU B 101 7.55 9.15 -40.68
CA LEU B 101 6.61 9.27 -39.58
C LEU B 101 5.56 10.32 -39.91
N CYS B 102 4.30 9.96 -39.70
CA CYS B 102 3.16 10.87 -39.88
C CYS B 102 2.68 11.30 -38.50
N ARG B 103 2.95 12.54 -38.12
CA ARG B 103 2.50 13.05 -36.83
C ARG B 103 1.26 13.91 -37.02
N GLY B 104 0.33 13.75 -36.09
CA GLY B 104 -0.94 14.46 -36.15
C GLY B 104 -2.13 13.56 -35.88
N TYR B 105 -1.87 12.27 -35.65
CA TYR B 105 -2.88 11.26 -35.37
C TYR B 105 -2.58 10.66 -34.00
N PRO B 106 -3.20 11.16 -32.93
CA PRO B 106 -2.91 10.61 -31.60
C PRO B 106 -3.49 9.21 -31.42
N LEU B 107 -2.99 8.54 -30.39
CA LEU B 107 -3.42 7.18 -30.09
C LEU B 107 -3.70 6.91 -28.62
N GLY B 108 -3.32 7.79 -27.70
CA GLY B 108 -3.59 7.60 -26.29
C GLY B 108 -4.73 8.43 -25.74
N SER B 109 -5.50 9.09 -26.59
CA SER B 109 -6.54 9.99 -26.13
C SER B 109 -7.85 9.23 -25.91
N SER B 110 -8.73 9.84 -25.13
CA SER B 110 -10.07 9.31 -24.95
C SER B 110 -10.95 9.76 -26.11
N ALA B 111 -11.86 8.87 -26.52
CA ALA B 111 -12.80 9.20 -27.58
C ALA B 111 -13.92 10.11 -27.10
N TYR B 112 -13.91 10.52 -25.83
CA TYR B 112 -15.04 11.27 -25.26
C TYR B 112 -14.63 12.60 -24.66
N GLY B 113 -13.42 13.08 -24.94
CA GLY B 113 -13.07 14.44 -24.61
C GLY B 113 -13.68 15.42 -25.60
N SER B 114 -13.89 16.65 -25.15
CA SER B 114 -14.42 17.69 -26.02
C SER B 114 -13.33 18.48 -26.73
N VAL B 115 -12.16 18.58 -26.13
CA VAL B 115 -11.02 19.27 -26.73
C VAL B 115 -10.04 18.22 -27.23
N LYS B 116 -9.70 18.30 -28.51
CA LYS B 116 -8.78 17.36 -29.14
C LYS B 116 -7.46 18.08 -29.43
N ALA B 117 -6.44 17.29 -29.75
CA ALA B 117 -5.17 17.85 -30.16
C ALA B 117 -5.31 18.59 -31.49
N TYR B 118 -4.62 19.71 -31.60
CA TYR B 118 -4.68 20.53 -32.81
C TYR B 118 -3.84 19.88 -33.90
N THR B 119 -4.43 19.74 -35.09
CA THR B 119 -3.77 19.03 -36.19
C THR B 119 -2.47 19.67 -36.63
N ASN B 120 -2.54 20.86 -37.25
CA ASN B 120 -1.36 21.56 -37.75
C ASN B 120 -0.72 22.36 -36.62
N PHE B 121 -0.14 21.62 -35.67
CA PHE B 121 0.35 22.24 -34.44
C PHE B 121 1.73 22.83 -34.66
N ASP B 122 1.90 24.09 -34.23
CA ASP B 122 3.17 24.79 -34.27
C ASP B 122 3.32 25.53 -32.94
N ALA B 123 4.09 24.95 -32.02
CA ALA B 123 4.18 25.50 -30.68
C ALA B 123 4.79 26.91 -30.70
N GLU B 124 5.88 27.09 -31.46
CA GLU B 124 6.57 28.37 -31.49
C GLU B 124 5.67 29.49 -31.99
N ARG B 125 4.89 29.22 -33.04
CA ARG B 125 3.96 30.22 -33.56
C ARG B 125 2.90 30.57 -32.51
N ASP B 126 2.36 29.57 -31.80
CA ASP B 126 1.39 29.86 -30.75
C ASP B 126 2.01 30.67 -29.63
N ALA B 127 3.23 30.33 -29.22
CA ALA B 127 3.93 31.10 -28.19
C ALA B 127 4.09 32.55 -28.61
N LEU B 128 4.36 32.78 -29.90
CA LEU B 128 4.50 34.14 -30.40
C LEU B 128 3.15 34.85 -30.44
N ASN B 129 2.11 34.17 -30.93
CA ASN B 129 0.78 34.76 -30.97
C ASN B 129 0.28 35.12 -29.58
N ILE B 130 0.61 34.28 -28.58
CA ILE B 130 0.20 34.57 -27.21
C ILE B 130 0.99 35.74 -26.65
N GLU B 131 2.29 35.79 -26.94
CA GLU B 131 3.09 36.90 -26.46
C GLU B 131 2.61 38.22 -27.04
N THR B 132 2.25 38.23 -28.32
CA THR B 132 1.66 39.43 -28.91
C THR B 132 0.29 39.74 -28.28
N ALA B 133 -0.48 38.71 -27.95
CA ALA B 133 -1.78 38.93 -27.32
C ALA B 133 -1.62 39.47 -25.90
N ILE B 134 -0.65 38.96 -25.15
CA ILE B 134 -0.37 39.50 -23.82
C ILE B 134 0.11 40.94 -23.94
N LYS B 135 1.11 41.18 -24.81
CA LYS B 135 1.74 42.49 -24.91
C LYS B 135 0.79 43.58 -25.41
N THR B 136 -0.29 43.19 -26.08
CA THR B 136 -1.22 44.18 -26.64
C THR B 136 -1.79 45.07 -25.54
N LYS B 137 -1.87 46.37 -25.83
CA LYS B 137 -2.50 47.32 -24.92
C LYS B 137 -3.90 46.85 -24.56
N GLY B 138 -4.15 46.67 -23.26
CA GLY B 138 -5.42 46.17 -22.78
C GLY B 138 -5.53 44.66 -22.74
N VAL B 139 -4.54 43.93 -23.28
CA VAL B 139 -4.50 42.47 -23.32
C VAL B 139 -5.56 41.93 -24.26
N ASP B 140 -5.13 41.20 -25.28
CA ASP B 140 -6.04 40.54 -26.22
C ASP B 140 -6.42 39.19 -25.64
N GLU B 141 -7.42 39.21 -24.75
CA GLU B 141 -7.88 37.99 -24.08
C GLU B 141 -8.42 36.98 -25.07
N VAL B 142 -9.19 37.44 -26.06
CA VAL B 142 -9.88 36.55 -26.99
C VAL B 142 -8.89 35.65 -27.72
N THR B 143 -7.79 36.23 -28.22
CA THR B 143 -6.76 35.45 -28.88
C THR B 143 -6.17 34.40 -27.94
N ILE B 144 -5.90 34.79 -26.70
CA ILE B 144 -5.36 33.86 -25.72
C ILE B 144 -6.33 32.72 -25.45
N VAL B 145 -7.63 33.03 -25.39
CA VAL B 145 -8.63 31.98 -25.17
C VAL B 145 -8.77 31.11 -26.41
N ASN B 146 -8.79 31.73 -27.60
CA ASN B 146 -8.95 30.98 -28.84
C ASN B 146 -7.85 29.94 -29.02
N ILE B 147 -6.65 30.22 -28.51
CA ILE B 147 -5.54 29.28 -28.67
C ILE B 147 -5.60 28.19 -27.61
N LEU B 148 -5.56 28.57 -26.33
CA LEU B 148 -5.32 27.59 -25.27
C LEU B 148 -6.46 26.59 -25.10
N THR B 149 -7.71 27.02 -25.34
CA THR B 149 -8.84 26.10 -25.22
C THR B 149 -8.97 25.18 -26.43
N ASN B 150 -8.27 25.45 -27.53
CA ASN B 150 -8.28 24.58 -28.70
C ASN B 150 -6.95 23.88 -28.91
N ARG B 151 -6.18 23.71 -27.84
CA ARG B 151 -5.00 22.87 -27.84
C ARG B 151 -5.14 21.79 -26.77
N SER B 152 -4.63 20.60 -27.06
CA SER B 152 -4.62 19.56 -26.05
C SER B 152 -3.66 19.95 -24.92
N ASN B 153 -3.85 19.31 -23.76
CA ASN B 153 -3.01 19.66 -22.62
C ASN B 153 -1.54 19.45 -22.92
N GLU B 154 -1.20 18.35 -23.60
CA GLU B 154 0.17 18.15 -24.02
C GLU B 154 0.64 19.28 -24.92
N GLN B 155 -0.21 19.73 -25.85
CA GLN B 155 0.17 20.83 -26.72
C GLN B 155 0.35 22.13 -25.94
N ARG B 156 -0.40 22.30 -24.85
CA ARG B 156 -0.21 23.49 -24.03
C ARG B 156 1.11 23.43 -23.27
N GLN B 157 1.60 22.22 -22.98
CA GLN B 157 2.91 22.07 -22.37
C GLN B 157 4.03 22.50 -23.31
N ASP B 158 3.91 22.14 -24.60
CA ASP B 158 4.90 22.56 -25.59
C ASP B 158 4.85 24.06 -25.82
N ILE B 159 3.69 24.68 -25.63
CA ILE B 159 3.59 26.13 -25.80
C ILE B 159 4.30 26.84 -24.65
N ALA B 160 4.12 26.35 -23.41
CA ALA B 160 4.80 26.94 -22.26
C ALA B 160 6.31 26.84 -22.40
N PHE B 161 6.80 25.71 -22.93
CA PHE B 161 8.23 25.57 -23.20
C PHE B 161 8.68 26.55 -24.27
N ALA B 162 7.97 26.56 -25.40
CA ALA B 162 8.32 27.49 -26.49
C ALA B 162 8.21 28.94 -26.04
N TYR B 163 7.27 29.25 -25.14
CA TYR B 163 7.13 30.62 -24.64
C TYR B 163 8.29 30.98 -23.72
N GLN B 164 8.62 30.09 -22.78
CA GLN B 164 9.79 30.32 -21.93
C GLN B 164 11.07 30.36 -22.76
N ARG B 165 11.17 29.49 -23.77
CA ARG B 165 12.31 29.46 -24.67
C ARG B 165 12.40 30.70 -25.54
N ARG B 166 11.34 31.51 -25.60
CA ARG B 166 11.30 32.69 -26.44
C ARG B 166 11.22 33.99 -25.65
N THR B 167 10.76 33.95 -24.39
CA THR B 167 10.64 35.13 -23.56
C THR B 167 11.60 35.13 -22.37
N LYS B 168 12.12 33.97 -21.97
CA LYS B 168 12.77 33.77 -20.68
C LYS B 168 11.82 34.09 -19.53
N LYS B 169 10.51 34.02 -19.78
CA LYS B 169 9.49 34.28 -18.79
C LYS B 169 8.44 33.17 -18.87
N GLU B 170 8.16 32.55 -17.73
CA GLU B 170 7.22 31.43 -17.73
C GLU B 170 5.83 31.89 -18.13
N LEU B 171 5.18 31.10 -19.00
CA LEU B 171 3.88 31.47 -19.52
C LEU B 171 2.86 31.69 -18.41
N ALA B 172 2.86 30.80 -17.40
CA ALA B 172 1.86 30.90 -16.34
C ALA B 172 2.05 32.16 -15.49
N SER B 173 3.29 32.63 -15.34
CA SER B 173 3.51 33.89 -14.62
C SER B 173 3.03 35.08 -15.46
N ALA B 174 3.26 35.02 -16.78
CA ALA B 174 2.84 36.12 -17.64
C ALA B 174 1.34 36.22 -17.72
N LEU B 175 0.65 35.07 -17.87
CA LEU B 175 -0.80 35.08 -17.96
C LEU B 175 -1.46 35.40 -16.63
N LYS B 176 -0.81 35.04 -15.51
CA LYS B 176 -1.37 35.40 -14.21
C LYS B 176 -1.37 36.92 -14.02
N SER B 177 -0.36 37.61 -14.55
CA SER B 177 -0.33 39.05 -14.43
C SER B 177 -1.29 39.74 -15.40
N ALA B 178 -1.54 39.15 -16.57
CA ALA B 178 -2.35 39.78 -17.60
C ALA B 178 -3.85 39.49 -17.46
N LEU B 179 -4.23 38.34 -16.90
CA LEU B 179 -5.63 37.96 -16.75
C LEU B 179 -6.09 38.21 -15.33
N SER B 180 -7.41 38.10 -15.14
CA SER B 180 -8.02 38.38 -13.85
C SER B 180 -9.33 37.60 -13.73
N GLY B 181 -9.88 37.60 -12.53
CA GLY B 181 -11.16 36.97 -12.24
C GLY B 181 -11.18 35.49 -12.59
N HIS B 182 -12.35 35.04 -13.06
CA HIS B 182 -12.53 33.62 -13.33
C HIS B 182 -11.84 33.19 -14.62
N LEU B 183 -11.67 34.10 -15.59
CA LEU B 183 -10.91 33.76 -16.78
C LEU B 183 -9.49 33.36 -16.41
N GLU B 184 -8.85 34.11 -15.50
CA GLU B 184 -7.51 33.74 -15.06
C GLU B 184 -7.51 32.34 -14.46
N THR B 185 -8.48 32.05 -13.60
CA THR B 185 -8.52 30.74 -12.94
C THR B 185 -8.63 29.61 -13.96
N VAL B 186 -9.41 29.82 -15.02
CA VAL B 186 -9.57 28.81 -16.05
C VAL B 186 -8.26 28.59 -16.79
N ILE B 187 -7.62 29.68 -17.25
CA ILE B 187 -6.44 29.56 -18.08
C ILE B 187 -5.29 28.92 -17.30
N LEU B 188 -5.08 29.36 -16.06
CA LEU B 188 -4.01 28.79 -15.26
C LEU B 188 -4.25 27.31 -14.99
N GLY B 189 -5.51 26.91 -14.79
CA GLY B 189 -5.81 25.50 -14.61
C GLY B 189 -5.52 24.67 -15.85
N LEU B 190 -5.89 25.19 -17.03
CA LEU B 190 -5.65 24.47 -18.27
C LEU B 190 -4.16 24.28 -18.52
N LEU B 191 -3.33 25.21 -18.04
CA LEU B 191 -1.90 25.14 -18.29
C LEU B 191 -1.18 24.10 -17.46
N LYS B 192 -1.77 23.65 -16.35
CA LYS B 192 -1.16 22.57 -15.58
C LYS B 192 -1.45 21.24 -16.25
N THR B 193 -0.54 20.29 -16.06
CA THR B 193 -0.83 18.92 -16.45
C THR B 193 -1.93 18.36 -15.57
N PRO B 194 -2.64 17.31 -16.02
CA PRO B 194 -3.74 16.77 -15.19
C PRO B 194 -3.34 16.44 -13.76
N ALA B 195 -2.21 15.77 -13.56
CA ALA B 195 -1.75 15.48 -12.21
C ALA B 195 -1.40 16.75 -11.46
N GLN B 196 -0.75 17.70 -12.13
CA GLN B 196 -0.40 18.97 -11.48
C GLN B 196 -1.66 19.73 -11.06
N TYR B 197 -2.67 19.76 -11.92
CA TYR B 197 -3.90 20.49 -11.60
C TYR B 197 -4.63 19.85 -10.44
N ASP B 198 -4.79 18.52 -10.46
CA ASP B 198 -5.45 17.82 -9.36
C ASP B 198 -4.67 17.99 -8.05
N ALA B 199 -3.34 17.88 -8.12
CA ALA B 199 -2.52 18.08 -6.94
C ALA B 199 -2.73 19.47 -6.35
N SER B 200 -2.71 20.49 -7.22
CA SER B 200 -2.85 21.86 -6.71
C SER B 200 -4.26 22.13 -6.19
N GLU B 201 -5.28 21.53 -6.82
CA GLU B 201 -6.64 21.67 -6.26
C GLU B 201 -6.75 20.96 -4.92
N LEU B 202 -6.07 19.82 -4.77
CA LEU B 202 -6.10 19.10 -3.49
C LEU B 202 -5.47 19.94 -2.39
N LYS B 203 -4.24 20.41 -2.60
CA LYS B 203 -3.54 21.21 -1.60
C LYS B 203 -4.34 22.46 -1.26
N ALA B 204 -4.97 23.08 -2.27
CA ALA B 204 -5.83 24.24 -2.02
C ALA B 204 -7.00 23.89 -1.12
N SER B 205 -7.57 22.68 -1.26
CA SER B 205 -8.67 22.28 -0.40
C SER B 205 -8.24 22.05 1.05
N MET B 206 -6.94 22.03 1.33
CA MET B 206 -6.44 21.85 2.69
C MET B 206 -5.61 23.05 3.15
N LYS B 207 -5.92 24.24 2.64
CA LYS B 207 -5.22 25.46 3.05
C LYS B 207 -5.92 26.04 4.28
N GLY B 208 -5.19 26.17 5.38
CA GLY B 208 -5.76 26.68 6.61
C GLY B 208 -6.41 25.58 7.44
N LEU B 209 -6.92 26.00 8.60
CA LEU B 209 -7.55 25.07 9.52
C LEU B 209 -8.74 24.38 8.89
N GLY B 210 -9.71 25.16 8.41
CA GLY B 210 -10.83 24.58 7.71
C GLY B 210 -10.40 23.96 6.39
N THR B 211 -11.13 22.93 5.98
CA THR B 211 -10.86 22.23 4.74
C THR B 211 -12.09 22.22 3.86
N ASP B 212 -11.87 22.28 2.54
CA ASP B 212 -12.93 22.22 1.55
C ASP B 212 -13.18 20.74 1.24
N GLU B 213 -13.98 20.10 2.10
CA GLU B 213 -14.18 18.66 2.01
C GLU B 213 -14.85 18.28 0.69
N ASP B 214 -15.78 19.10 0.21
CA ASP B 214 -16.46 18.78 -1.04
C ASP B 214 -15.48 18.69 -2.20
N SER B 215 -14.54 19.64 -2.27
CA SER B 215 -13.50 19.56 -3.31
C SER B 215 -12.63 18.33 -3.11
N LEU B 216 -12.12 18.13 -1.89
CA LEU B 216 -11.36 16.93 -1.57
C LEU B 216 -12.12 15.67 -1.98
N ILE B 217 -13.41 15.59 -1.64
CA ILE B 217 -14.19 14.39 -1.96
C ILE B 217 -14.33 14.20 -3.47
N GLU B 218 -14.67 15.28 -4.19
CA GLU B 218 -14.88 15.19 -5.62
C GLU B 218 -13.66 14.62 -6.33
N ILE B 219 -12.47 15.06 -5.93
CA ILE B 219 -11.26 14.62 -6.63
C ILE B 219 -10.91 13.19 -6.24
N ILE B 220 -10.92 12.89 -4.93
CA ILE B 220 -10.47 11.59 -4.46
C ILE B 220 -11.44 10.48 -4.85
N CYS B 221 -12.74 10.78 -4.95
CA CYS B 221 -13.72 9.74 -5.30
C CYS B 221 -13.81 9.49 -6.79
N SER B 222 -13.44 10.45 -7.63
CA SER B 222 -13.65 10.34 -9.08
C SER B 222 -12.41 9.88 -9.84
N ARG B 223 -11.21 9.95 -9.26
CA ARG B 223 -9.98 9.63 -10.00
C ARG B 223 -9.65 8.14 -9.95
N THR B 224 -9.06 7.65 -11.04
CA THR B 224 -8.72 6.24 -11.18
C THR B 224 -7.36 5.95 -10.55
N ASN B 225 -7.05 4.65 -10.43
CA ASN B 225 -5.75 4.22 -9.90
C ASN B 225 -4.60 4.87 -10.66
N GLN B 226 -4.65 4.82 -11.99
CA GLN B 226 -3.60 5.41 -12.81
C GLN B 226 -3.49 6.91 -12.57
N GLU B 227 -4.64 7.59 -12.41
CA GLU B 227 -4.61 9.02 -12.16
C GLU B 227 -4.09 9.33 -10.77
N LEU B 228 -4.45 8.50 -9.78
CA LEU B 228 -4.02 8.76 -8.41
C LEU B 228 -2.56 8.40 -8.21
N GLN B 229 -2.05 7.39 -8.90
CA GLN B 229 -0.62 7.09 -8.86
C GLN B 229 0.20 8.29 -9.29
N GLU B 230 -0.23 8.97 -10.35
CA GLU B 230 0.50 10.14 -10.84
C GLU B 230 0.25 11.36 -9.97
N ILE B 231 -0.91 11.45 -9.32
CA ILE B 231 -1.18 12.56 -8.41
C ILE B 231 -0.27 12.45 -7.18
N ASN B 232 -0.21 11.26 -6.58
CA ASN B 232 0.63 11.07 -5.39
C ASN B 232 2.09 11.41 -5.68
N ARG B 233 2.54 11.06 -6.87
CA ARG B 233 3.96 11.33 -7.19
C ARG B 233 4.12 12.84 -7.43
N VAL B 234 3.22 13.45 -8.18
CA VAL B 234 3.36 14.86 -8.51
C VAL B 234 3.11 15.74 -7.28
N TYR B 235 2.26 15.28 -6.36
CA TYR B 235 1.99 16.05 -5.15
C TYR B 235 3.25 16.21 -4.31
N LYS B 236 3.94 15.11 -4.03
CA LYS B 236 5.18 15.18 -3.28
C LYS B 236 6.25 15.95 -4.05
N GLU B 237 6.22 15.88 -5.38
CA GLU B 237 7.19 16.60 -6.20
C GLU B 237 6.98 18.11 -6.11
N MET B 238 5.74 18.55 -5.99
CA MET B 238 5.42 19.98 -5.91
C MET B 238 5.49 20.52 -4.49
N TYR B 239 4.97 19.78 -3.51
CA TYR B 239 4.83 20.28 -2.15
C TYR B 239 5.74 19.59 -1.15
N LYS B 240 6.63 18.70 -1.61
CA LYS B 240 7.66 18.09 -0.76
C LYS B 240 7.06 17.39 0.44
N THR B 241 5.85 16.85 0.29
CA THR B 241 5.21 16.06 1.33
C THR B 241 4.21 15.12 0.66
N ASP B 242 4.06 13.94 1.24
CA ASP B 242 3.17 12.94 0.67
C ASP B 242 1.72 13.40 0.78
N LEU B 243 0.94 13.14 -0.28
CA LEU B 243 -0.47 13.50 -0.26
C LEU B 243 -1.19 12.82 0.90
N GLU B 244 -0.83 11.58 1.20
CA GLU B 244 -1.47 10.86 2.31
C GLU B 244 -1.26 11.58 3.63
N LYS B 245 -0.05 12.11 3.87
CA LYS B 245 0.25 12.76 5.14
C LYS B 245 -0.59 14.01 5.34
N ASP B 246 -0.76 14.81 4.29
CA ASP B 246 -1.60 16.00 4.43
C ASP B 246 -3.06 15.64 4.65
N ILE B 247 -3.53 14.53 4.06
CA ILE B 247 -4.91 14.10 4.28
C ILE B 247 -5.11 13.67 5.72
N ILE B 248 -4.17 12.89 6.26
CA ILE B 248 -4.21 12.50 7.67
C ILE B 248 -4.35 13.73 8.57
N SER B 249 -3.66 14.82 8.22
CA SER B 249 -3.64 16.00 9.08
C SER B 249 -4.98 16.72 9.07
N ASP B 250 -5.59 16.88 7.90
CA ASP B 250 -6.76 17.72 7.74
C ASP B 250 -8.07 16.95 7.83
N THR B 251 -8.04 15.65 8.04
CA THR B 251 -9.25 14.85 8.19
C THR B 251 -9.13 14.01 9.46
N SER B 252 -10.22 13.35 9.82
CA SER B 252 -10.25 12.53 11.02
C SER B 252 -11.37 11.50 10.91
N GLY B 253 -11.33 10.52 11.82
CA GLY B 253 -12.38 9.52 11.91
C GLY B 253 -12.49 8.63 10.69
N ASP B 254 -13.68 8.04 10.53
CA ASP B 254 -13.92 7.17 9.39
C ASP B 254 -13.85 7.93 8.07
N PHE B 255 -14.06 9.24 8.09
CA PHE B 255 -13.85 10.03 6.88
C PHE B 255 -12.39 10.02 6.48
N ARG B 256 -11.48 10.10 7.45
CA ARG B 256 -10.05 10.02 7.16
C ARG B 256 -9.70 8.66 6.56
N LYS B 257 -10.19 7.58 7.16
CA LYS B 257 -9.91 6.24 6.65
C LYS B 257 -10.35 6.07 5.21
N LEU B 258 -11.56 6.57 4.89
CA LEU B 258 -12.08 6.42 3.53
C LEU B 258 -11.24 7.20 2.53
N MET B 259 -10.88 8.44 2.87
CA MET B 259 -10.08 9.25 1.96
C MET B 259 -8.69 8.66 1.78
N VAL B 260 -8.06 8.20 2.86
CA VAL B 260 -6.72 7.62 2.77
C VAL B 260 -6.75 6.34 1.93
N ALA B 261 -7.78 5.52 2.10
CA ALA B 261 -7.86 4.29 1.33
C ALA B 261 -8.11 4.57 -0.14
N LEU B 262 -8.97 5.53 -0.45
CA LEU B 262 -9.20 5.89 -1.84
C LEU B 262 -7.97 6.52 -2.47
N ALA B 263 -7.29 7.43 -1.75
CA ALA B 263 -6.15 8.12 -2.33
C ALA B 263 -5.00 7.18 -2.65
N LYS B 264 -5.01 5.96 -2.09
CA LYS B 264 -3.95 5.01 -2.38
C LYS B 264 -3.98 4.56 -3.84
N GLY B 265 -5.14 4.62 -4.47
CA GLY B 265 -5.26 4.16 -5.85
C GLY B 265 -4.79 2.73 -6.04
N ARG B 266 -5.12 1.85 -5.09
CA ARG B 266 -4.78 0.44 -5.17
C ARG B 266 -6.01 -0.44 -5.38
N ARG B 267 -7.10 0.14 -5.88
CA ARG B 267 -8.28 -0.64 -6.23
C ARG B 267 -7.91 -1.76 -7.19
N ALA B 268 -8.52 -2.93 -7.01
CA ALA B 268 -8.30 -4.03 -7.93
C ALA B 268 -8.72 -3.63 -9.34
N GLU B 269 -7.90 -4.01 -10.33
CA GLU B 269 -8.25 -3.75 -11.71
C GLU B 269 -9.39 -4.67 -12.14
N ASP B 270 -10.06 -4.28 -13.22
N ASP B 270 -10.08 -4.27 -13.22
CA ASP B 270 -11.23 -5.00 -13.70
CA ASP B 270 -11.24 -5.01 -13.68
C ASP B 270 -10.88 -6.45 -14.01
C ASP B 270 -10.87 -6.45 -13.98
N GLY B 271 -11.49 -7.38 -13.26
CA GLY B 271 -11.17 -8.78 -13.44
C GLY B 271 -11.57 -9.30 -14.80
N SER B 272 -10.81 -10.29 -15.27
CA SER B 272 -11.13 -10.93 -16.54
C SER B 272 -12.48 -11.63 -16.46
N VAL B 273 -12.76 -12.27 -15.33
CA VAL B 273 -13.98 -13.06 -15.14
C VAL B 273 -14.90 -12.31 -14.20
N ILE B 274 -16.19 -12.35 -14.51
CA ILE B 274 -17.20 -11.85 -13.57
C ILE B 274 -17.30 -12.84 -12.41
N ASP B 275 -17.10 -12.34 -11.19
CA ASP B 275 -17.09 -13.19 -10.00
C ASP B 275 -18.44 -13.09 -9.32
N TYR B 276 -19.40 -13.89 -9.81
CA TYR B 276 -20.76 -13.82 -9.30
C TYR B 276 -20.84 -14.22 -7.83
N GLU B 277 -20.00 -15.15 -7.40
CA GLU B 277 -20.03 -15.53 -5.98
C GLU B 277 -19.60 -14.36 -5.11
N LEU B 278 -18.55 -13.66 -5.51
CA LEU B 278 -18.08 -12.51 -4.73
C LEU B 278 -19.05 -11.34 -4.85
N ILE B 279 -19.71 -11.18 -6.00
CA ILE B 279 -20.74 -10.15 -6.13
C ILE B 279 -21.82 -10.34 -5.08
N ASP B 280 -22.39 -11.53 -5.00
CA ASP B 280 -23.44 -11.78 -4.03
C ASP B 280 -22.91 -11.68 -2.61
N GLN B 281 -21.72 -12.25 -2.36
CA GLN B 281 -21.14 -12.17 -1.02
C GLN B 281 -20.88 -10.72 -0.61
N ASP B 282 -20.37 -9.89 -1.54
CA ASP B 282 -20.15 -8.49 -1.20
C ASP B 282 -21.47 -7.78 -0.91
N ALA B 283 -22.48 -8.05 -1.73
CA ALA B 283 -23.78 -7.40 -1.54
C ALA B 283 -24.39 -7.76 -0.19
N ARG B 284 -24.34 -9.06 0.16
CA ARG B 284 -24.82 -9.50 1.46
C ARG B 284 -23.99 -8.88 2.59
N ASP B 285 -22.67 -8.79 2.38
CA ASP B 285 -21.83 -8.19 3.43
C ASP B 285 -22.16 -6.72 3.61
N LEU B 286 -22.38 -5.98 2.52
CA LEU B 286 -22.80 -4.59 2.66
C LEU B 286 -24.12 -4.48 3.44
N TYR B 287 -25.04 -5.42 3.20
CA TYR B 287 -26.32 -5.40 3.90
C TYR B 287 -26.14 -5.68 5.38
N ASP B 288 -25.48 -6.80 5.72
CA ASP B 288 -25.22 -7.14 7.12
C ASP B 288 -24.50 -6.01 7.85
N ALA B 289 -23.64 -5.27 7.16
CA ALA B 289 -22.84 -4.25 7.81
C ALA B 289 -23.61 -2.94 8.03
N GLY B 290 -24.76 -2.75 7.38
CA GLY B 290 -25.50 -1.52 7.57
C GLY B 290 -26.96 -1.69 7.94
N VAL B 291 -27.82 -1.74 6.92
CA VAL B 291 -29.26 -1.59 7.10
C VAL B 291 -29.87 -2.77 7.86
N LYS B 292 -29.32 -3.98 7.70
CA LYS B 292 -29.88 -5.13 8.39
C LYS B 292 -29.85 -4.98 9.90
N ARG B 293 -28.86 -4.26 10.42
CA ARG B 293 -28.62 -4.16 11.85
C ARG B 293 -28.74 -2.72 12.33
N LYS B 294 -28.95 -2.56 13.63
CA LYS B 294 -28.68 -1.29 14.26
C LYS B 294 -27.17 -1.08 14.33
N GLY B 295 -26.73 0.13 13.99
CA GLY B 295 -25.33 0.43 13.87
C GLY B 295 -24.80 0.14 12.48
N THR B 296 -23.54 0.54 12.26
CA THR B 296 -22.90 0.38 10.95
C THR B 296 -21.47 -0.10 11.13
N ASP B 297 -21.14 -1.22 10.50
CA ASP B 297 -19.75 -1.68 10.38
C ASP B 297 -19.10 -0.91 9.22
N VAL B 298 -18.64 0.30 9.54
CA VAL B 298 -18.06 1.16 8.50
C VAL B 298 -16.82 0.55 7.85
N PRO B 299 -15.87 -0.06 8.60
CA PRO B 299 -14.70 -0.65 7.92
C PRO B 299 -15.05 -1.67 6.84
N LYS B 300 -16.14 -2.42 7.00
CA LYS B 300 -16.54 -3.33 5.93
C LYS B 300 -16.97 -2.57 4.69
N TRP B 301 -17.75 -1.50 4.88
CA TRP B 301 -18.14 -0.64 3.76
C TRP B 301 -16.92 -0.07 3.06
N ILE B 302 -15.98 0.49 3.83
CA ILE B 302 -14.78 1.06 3.26
C ILE B 302 -14.01 0.02 2.47
N SER B 303 -13.81 -1.17 3.05
CA SER B 303 -13.02 -2.21 2.42
C SER B 303 -13.63 -2.66 1.10
N ILE B 304 -14.94 -2.91 1.10
CA ILE B 304 -15.61 -3.39 -0.11
C ILE B 304 -15.58 -2.33 -1.21
N MET B 305 -15.93 -1.09 -0.87
CA MET B 305 -16.10 -0.05 -1.88
C MET B 305 -14.79 0.54 -2.37
N THR B 306 -13.68 0.29 -1.69
CA THR B 306 -12.39 0.79 -2.14
C THR B 306 -11.52 -0.25 -2.81
N GLU B 307 -11.72 -1.54 -2.52
CA GLU B 307 -10.82 -2.57 -3.04
C GLU B 307 -11.36 -3.29 -4.27
N ARG B 308 -12.67 -3.35 -4.46
CA ARG B 308 -13.23 -4.05 -5.61
C ARG B 308 -13.18 -3.18 -6.85
N SER B 309 -13.08 -3.82 -8.01
CA SER B 309 -13.11 -3.07 -9.26
C SER B 309 -14.44 -2.36 -9.42
N VAL B 310 -14.42 -1.29 -10.20
CA VAL B 310 -15.65 -0.56 -10.48
C VAL B 310 -16.72 -1.44 -11.12
N PRO B 311 -16.43 -2.19 -12.20
CA PRO B 311 -17.51 -3.01 -12.80
C PRO B 311 -18.06 -4.06 -11.85
N HIS B 312 -17.24 -4.60 -10.96
CA HIS B 312 -17.73 -5.52 -9.95
C HIS B 312 -18.68 -4.82 -8.97
N LEU B 313 -18.29 -3.63 -8.51
CA LEU B 313 -19.10 -2.91 -7.54
C LEU B 313 -20.43 -2.47 -8.14
N GLN B 314 -20.46 -2.10 -9.42
CA GLN B 314 -21.73 -1.83 -10.07
C GLN B 314 -22.67 -3.02 -9.97
N LYS B 315 -22.14 -4.23 -10.16
CA LYS B 315 -22.99 -5.42 -10.05
C LYS B 315 -23.30 -5.73 -8.58
N VAL B 316 -22.37 -5.46 -7.68
CA VAL B 316 -22.66 -5.64 -6.25
C VAL B 316 -23.84 -4.76 -5.84
N PHE B 317 -23.82 -3.48 -6.25
CA PHE B 317 -24.91 -2.57 -5.88
C PHE B 317 -26.24 -3.02 -6.46
N ASP B 318 -26.22 -3.68 -7.62
CA ASP B 318 -27.46 -4.22 -8.18
C ASP B 318 -27.95 -5.42 -7.37
N ARG B 319 -27.06 -6.38 -7.12
CA ARG B 319 -27.42 -7.53 -6.29
C ARG B 319 -27.82 -7.07 -4.89
N TYR B 320 -27.25 -5.95 -4.44
CA TYR B 320 -27.60 -5.40 -3.13
C TYR B 320 -29.07 -5.11 -3.01
N LYS B 321 -29.71 -4.68 -4.11
CA LYS B 321 -31.15 -4.38 -4.05
C LYS B 321 -31.98 -5.62 -3.77
N SER B 322 -31.40 -6.81 -3.93
CA SER B 322 -32.09 -8.06 -3.63
C SER B 322 -32.08 -8.38 -2.14
N TYR B 323 -31.22 -7.72 -1.36
CA TYR B 323 -31.18 -7.92 0.07
C TYR B 323 -31.81 -6.77 0.84
N SER B 324 -31.70 -5.56 0.33
CA SER B 324 -32.12 -4.36 1.04
C SER B 324 -33.32 -3.73 0.35
N PRO B 325 -34.26 -3.17 1.13
CA PRO B 325 -35.33 -2.38 0.53
C PRO B 325 -34.86 -1.00 0.09
N TYR B 326 -33.68 -0.58 0.50
CA TYR B 326 -33.08 0.67 0.06
C TYR B 326 -31.88 0.38 -0.84
N ASP B 327 -31.74 1.13 -1.92
CA ASP B 327 -30.57 0.97 -2.77
C ASP B 327 -29.34 1.53 -2.05
N MET B 328 -28.18 1.44 -2.70
CA MET B 328 -26.94 1.79 -2.02
C MET B 328 -26.94 3.25 -1.56
N LEU B 329 -27.38 4.16 -2.43
CA LEU B 329 -27.42 5.58 -2.06
C LEU B 329 -28.34 5.82 -0.88
N GLU B 330 -29.55 5.28 -0.94
CA GLU B 330 -30.50 5.46 0.16
C GLU B 330 -29.99 4.81 1.44
N SER B 331 -29.32 3.66 1.32
CA SER B 331 -28.72 3.02 2.50
C SER B 331 -27.65 3.91 3.13
N ILE B 332 -26.86 4.60 2.31
CA ILE B 332 -25.82 5.49 2.82
C ILE B 332 -26.45 6.63 3.61
N ARG B 333 -27.53 7.22 3.09
CA ARG B 333 -28.18 8.32 3.80
C ARG B 333 -28.72 7.87 5.15
N LYS B 334 -29.32 6.68 5.22
CA LYS B 334 -29.91 6.25 6.48
C LYS B 334 -28.90 5.68 7.47
N GLU B 335 -27.71 5.28 7.01
CA GLU B 335 -26.78 4.60 7.90
C GLU B 335 -25.74 5.52 8.51
N VAL B 336 -25.44 6.67 7.89
CA VAL B 336 -24.24 7.42 8.22
C VAL B 336 -24.47 8.90 7.89
N LYS B 337 -23.59 9.76 8.38
CA LYS B 337 -23.83 11.21 8.34
C LYS B 337 -22.53 11.98 8.11
N GLY B 338 -22.69 13.29 7.88
CA GLY B 338 -21.56 14.21 7.83
C GLY B 338 -20.71 14.05 6.59
N ASP B 339 -19.40 14.29 6.77
CA ASP B 339 -18.45 14.16 5.67
C ASP B 339 -18.33 12.72 5.18
N LEU B 340 -18.43 11.74 6.10
CA LEU B 340 -18.39 10.35 5.71
C LEU B 340 -19.54 10.03 4.74
N GLU B 341 -20.73 10.55 5.03
CA GLU B 341 -21.89 10.31 4.18
C GLU B 341 -21.69 10.92 2.80
N ASN B 342 -21.31 12.21 2.76
CA ASN B 342 -21.08 12.87 1.48
C ASN B 342 -20.04 12.10 0.66
N ALA B 343 -18.95 11.67 1.32
CA ALA B 343 -17.92 10.90 0.64
C ALA B 343 -18.48 9.62 0.04
N PHE B 344 -19.16 8.81 0.85
CA PHE B 344 -19.77 7.58 0.32
C PHE B 344 -20.71 7.89 -0.83
N LEU B 345 -21.59 8.88 -0.64
CA LEU B 345 -22.53 9.26 -1.69
C LEU B 345 -21.80 9.60 -3.00
N ASN B 346 -20.74 10.39 -2.90
CA ASN B 346 -19.96 10.73 -4.08
C ASN B 346 -19.32 9.49 -4.68
N LEU B 347 -18.73 8.64 -3.83
CA LEU B 347 -18.05 7.45 -4.31
C LEU B 347 -18.99 6.54 -5.07
N VAL B 348 -20.19 6.29 -4.54
CA VAL B 348 -21.09 5.37 -5.23
C VAL B 348 -21.63 5.99 -6.54
N GLN B 349 -21.86 7.30 -6.56
CA GLN B 349 -22.22 7.96 -7.82
C GLN B 349 -21.11 7.80 -8.86
N CYS B 350 -19.85 7.98 -8.43
CA CYS B 350 -18.73 7.79 -9.36
C CYS B 350 -18.63 6.35 -9.83
N ILE B 351 -18.95 5.39 -8.96
CA ILE B 351 -18.91 3.98 -9.35
C ILE B 351 -20.02 3.70 -10.36
N GLN B 352 -21.23 4.21 -10.08
CA GLN B 352 -22.41 3.86 -10.88
C GLN B 352 -22.43 4.57 -12.22
N ASN B 353 -22.10 5.87 -12.24
CA ASN B 353 -22.16 6.64 -13.48
C ASN B 353 -21.39 7.94 -13.30
N LYS B 354 -20.08 7.89 -13.54
CA LYS B 354 -19.25 9.07 -13.33
C LYS B 354 -19.66 10.25 -14.20
N PRO B 355 -19.97 10.08 -15.49
CA PRO B 355 -20.43 11.26 -16.25
C PRO B 355 -21.70 11.87 -15.71
N LEU B 356 -22.65 11.03 -15.27
CA LEU B 356 -23.85 11.54 -14.61
C LEU B 356 -23.49 12.28 -13.33
N TYR B 357 -22.51 11.75 -12.59
CA TYR B 357 -22.03 12.43 -11.38
C TYR B 357 -21.57 13.84 -11.69
N PHE B 358 -20.74 14.01 -12.73
CA PHE B 358 -20.23 15.34 -13.05
C PHE B 358 -21.32 16.24 -13.63
N ALA B 359 -22.22 15.65 -14.43
CA ALA B 359 -23.40 16.39 -14.87
C ALA B 359 -24.17 16.98 -13.69
N ASP B 360 -24.49 16.17 -12.68
CA ASP B 360 -25.21 16.69 -11.52
C ASP B 360 -24.39 17.74 -10.77
N ARG B 361 -23.09 17.52 -10.67
CA ARG B 361 -22.27 18.55 -9.99
C ARG B 361 -22.29 19.83 -10.82
N LEU B 362 -22.24 19.73 -12.13
CA LEU B 362 -22.33 20.93 -12.95
C LEU B 362 -23.67 21.62 -12.76
N TYR B 363 -24.77 20.86 -12.83
CA TYR B 363 -26.09 21.43 -12.55
C TYR B 363 -26.14 22.14 -11.21
N ASP B 364 -25.63 21.49 -10.16
CA ASP B 364 -25.69 22.10 -8.83
C ASP B 364 -24.89 23.38 -8.77
N SER B 365 -23.78 23.46 -9.50
CA SER B 365 -22.97 24.67 -9.40
C SER B 365 -23.61 25.87 -10.10
N MET B 366 -24.60 25.63 -10.96
CA MET B 366 -25.23 26.71 -11.73
C MET B 366 -26.71 26.91 -11.44
N LYS B 367 -27.36 26.01 -10.70
CA LYS B 367 -28.82 26.00 -10.73
C LYS B 367 -29.44 27.20 -10.02
N GLY B 368 -28.78 27.74 -9.00
CA GLY B 368 -29.38 28.72 -8.12
C GLY B 368 -28.81 30.12 -8.31
N LYS B 369 -28.93 30.93 -7.25
CA LYS B 369 -28.32 32.24 -7.28
C LYS B 369 -26.81 32.14 -7.48
N GLY B 370 -26.29 32.88 -8.47
CA GLY B 370 -24.87 32.88 -8.72
C GLY B 370 -24.34 31.55 -9.23
N THR B 371 -23.01 31.41 -9.14
CA THR B 371 -22.32 30.24 -9.66
C THR B 371 -21.27 29.80 -8.65
N ARG B 372 -21.19 28.49 -8.41
CA ARG B 372 -20.04 27.93 -7.68
C ARG B 372 -18.93 27.74 -8.70
N ASP B 373 -18.24 28.84 -9.01
CA ASP B 373 -17.29 28.84 -10.12
C ASP B 373 -16.14 27.87 -9.89
N LYS B 374 -15.69 27.70 -8.64
CA LYS B 374 -14.59 26.78 -8.37
C LYS B 374 -14.94 25.36 -8.81
N VAL B 375 -16.19 24.94 -8.61
CA VAL B 375 -16.58 23.61 -9.05
C VAL B 375 -16.77 23.58 -10.56
N LEU B 376 -17.52 24.55 -11.10
CA LEU B 376 -17.76 24.58 -12.54
C LEU B 376 -16.44 24.59 -13.31
N ILE B 377 -15.47 25.41 -12.87
CA ILE B 377 -14.19 25.51 -13.55
C ILE B 377 -13.39 24.22 -13.45
N ARG B 378 -13.34 23.62 -12.24
CA ARG B 378 -12.53 22.42 -12.06
C ARG B 378 -13.01 21.29 -12.95
N ILE B 379 -14.32 21.13 -13.06
CA ILE B 379 -14.86 20.05 -13.89
C ILE B 379 -14.60 20.34 -15.38
N MET B 380 -14.94 21.54 -15.84
CA MET B 380 -14.72 21.87 -17.25
C MET B 380 -13.27 21.65 -17.66
N VAL B 381 -12.32 21.99 -16.79
CA VAL B 381 -10.90 21.82 -17.11
C VAL B 381 -10.52 20.33 -17.06
N SER B 382 -10.85 19.65 -15.96
CA SER B 382 -10.27 18.33 -15.72
C SER B 382 -10.92 17.23 -16.55
N ARG B 383 -12.17 17.40 -16.96
CA ARG B 383 -12.87 16.38 -17.73
C ARG B 383 -12.91 16.71 -19.23
N SER B 384 -12.33 17.84 -19.65
CA SER B 384 -12.41 18.24 -21.05
C SER B 384 -11.69 17.27 -21.97
N GLU B 385 -10.68 16.54 -21.47
CA GLU B 385 -9.98 15.54 -22.27
C GLU B 385 -10.26 14.13 -21.80
N VAL B 386 -11.29 13.95 -20.97
CA VAL B 386 -11.61 12.63 -20.43
C VAL B 386 -12.96 12.18 -20.96
N ASP B 387 -14.06 12.79 -20.46
CA ASP B 387 -15.39 12.29 -20.79
C ASP B 387 -16.43 13.40 -20.92
N MET B 388 -15.98 14.60 -21.33
CA MET B 388 -16.90 15.74 -21.45
C MET B 388 -18.08 15.42 -22.36
N LEU B 389 -17.86 14.61 -23.39
CA LEU B 389 -18.95 14.25 -24.31
C LEU B 389 -20.01 13.41 -23.60
N LYS B 390 -19.59 12.45 -22.79
CA LYS B 390 -20.55 11.68 -22.01
C LYS B 390 -21.26 12.56 -20.98
N ILE B 391 -20.52 13.46 -20.33
CA ILE B 391 -21.13 14.37 -19.35
C ILE B 391 -22.22 15.20 -20.02
N ARG B 392 -21.91 15.76 -21.19
CA ARG B 392 -22.90 16.58 -21.90
C ARG B 392 -24.12 15.76 -22.30
N SER B 393 -23.91 14.47 -22.62
CA SER B 393 -25.03 13.62 -23.02
C SER B 393 -25.92 13.28 -21.83
N GLU B 394 -25.32 12.91 -20.70
CA GLU B 394 -26.08 12.73 -19.47
C GLU B 394 -26.79 14.02 -19.07
N PHE B 395 -26.09 15.14 -19.19
CA PHE B 395 -26.67 16.42 -18.79
C PHE B 395 -27.93 16.73 -19.59
N LYS B 396 -27.84 16.65 -20.93
CA LYS B 396 -28.99 17.00 -21.77
C LYS B 396 -30.14 16.02 -21.55
N ARG B 397 -29.83 14.74 -21.37
CA ARG B 397 -30.88 13.74 -21.15
C ARG B 397 -31.62 14.01 -19.84
N LYS B 398 -30.90 14.35 -18.79
CA LYS B 398 -31.56 14.54 -17.50
C LYS B 398 -32.23 15.90 -17.39
N TYR B 399 -31.59 16.98 -17.82
CA TYR B 399 -32.09 18.34 -17.61
C TYR B 399 -32.83 18.92 -18.80
N GLY B 400 -32.74 18.31 -19.98
CA GLY B 400 -33.51 18.74 -21.12
C GLY B 400 -32.87 19.82 -21.97
N LYS B 401 -32.04 20.67 -21.38
CA LYS B 401 -31.24 21.63 -22.14
C LYS B 401 -29.77 21.24 -22.03
N SER B 402 -28.97 21.78 -22.94
CA SER B 402 -27.57 21.40 -23.01
C SER B 402 -26.78 22.01 -21.84
N LEU B 403 -25.63 21.39 -21.57
CA LEU B 403 -24.66 22.02 -20.66
C LEU B 403 -24.24 23.38 -21.18
N TYR B 404 -24.06 23.50 -22.50
CA TYR B 404 -23.73 24.77 -23.13
C TYR B 404 -24.75 25.84 -22.76
N TYR B 405 -26.04 25.50 -22.84
CA TYR B 405 -27.11 26.44 -22.47
C TYR B 405 -26.91 26.97 -21.06
N TYR B 406 -26.65 26.07 -20.10
CA TYR B 406 -26.54 26.50 -18.71
C TYR B 406 -25.30 27.37 -18.49
N ILE B 407 -24.15 26.95 -19.03
CA ILE B 407 -22.94 27.77 -18.91
C ILE B 407 -23.17 29.13 -19.53
N GLN B 408 -23.88 29.18 -20.65
CA GLN B 408 -24.14 30.45 -21.32
C GLN B 408 -24.97 31.37 -20.43
N GLN B 409 -25.96 30.82 -19.72
CA GLN B 409 -26.81 31.67 -18.88
C GLN B 409 -26.09 32.15 -17.64
N ASP B 410 -25.17 31.35 -17.10
CA ASP B 410 -24.58 31.62 -15.80
C ASP B 410 -23.28 32.40 -15.82
N THR B 411 -22.54 32.39 -16.92
CA THR B 411 -21.27 33.10 -17.01
C THR B 411 -21.32 34.12 -18.14
N LYS B 412 -20.45 35.13 -18.05
CA LYS B 412 -20.38 36.17 -19.07
C LYS B 412 -18.94 36.40 -19.49
N GLY B 413 -18.76 37.25 -20.50
CA GLY B 413 -17.46 37.73 -20.91
C GLY B 413 -16.58 36.64 -21.50
N ASP B 414 -15.27 36.90 -21.49
CA ASP B 414 -14.32 35.95 -22.04
C ASP B 414 -14.26 34.67 -21.21
N TYR B 415 -14.47 34.79 -19.90
CA TYR B 415 -14.65 33.62 -19.04
C TYR B 415 -15.69 32.67 -19.61
N GLN B 416 -16.87 33.19 -19.96
CA GLN B 416 -17.91 32.35 -20.57
C GLN B 416 -17.41 31.66 -21.83
N LYS B 417 -16.81 32.44 -22.74
CA LYS B 417 -16.34 31.89 -24.00
C LYS B 417 -15.33 30.76 -23.77
N ALA B 418 -14.45 30.92 -22.78
CA ALA B 418 -13.49 29.87 -22.47
C ALA B 418 -14.21 28.59 -22.06
N LEU B 419 -15.20 28.69 -21.16
CA LEU B 419 -15.93 27.51 -20.74
C LEU B 419 -16.68 26.87 -21.90
N LEU B 420 -17.27 27.70 -22.78
CA LEU B 420 -18.03 27.16 -23.90
C LEU B 420 -17.15 26.37 -24.85
N TYR B 421 -15.91 26.84 -25.07
CA TYR B 421 -14.96 26.06 -25.85
C TYR B 421 -14.61 24.76 -25.15
N LEU B 422 -14.40 24.80 -23.84
CA LEU B 422 -14.16 23.57 -23.08
C LEU B 422 -15.36 22.65 -23.14
N CYS B 423 -16.56 23.20 -23.12
CA CYS B 423 -17.76 22.37 -23.34
C CYS B 423 -17.72 21.76 -24.74
N GLY B 424 -17.45 22.57 -25.76
CA GLY B 424 -17.20 22.07 -27.09
C GLY B 424 -18.37 22.09 -28.04
N GLY B 425 -19.52 22.59 -27.62
CA GLY B 425 -20.65 22.67 -28.51
C GLY B 425 -21.96 22.45 -27.80
N ASP B 426 -23.05 22.80 -28.49
CA ASP B 426 -24.40 22.69 -27.96
C ASP B 426 -24.91 21.27 -28.09
N ASP B 427 -26.06 21.01 -27.49
CA ASP B 427 -26.77 19.74 -27.64
C ASP B 427 -28.28 19.96 -27.73
N PRO C 7 -0.54 -5.32 -26.99
CA PRO C 7 0.30 -6.11 -27.89
C PRO C 7 1.49 -5.32 -28.44
N GLU C 8 2.53 -5.16 -27.63
CA GLU C 8 3.70 -4.37 -28.01
C GLU C 8 4.95 -5.24 -28.09
N THR C 9 5.96 -4.71 -28.76
CA THR C 9 7.26 -5.35 -28.90
C THR C 9 8.35 -4.28 -28.87
N THR C 10 9.42 -4.56 -28.12
CA THR C 10 10.55 -3.63 -28.05
C THR C 10 11.43 -3.80 -29.26
N LEU C 11 11.77 -2.68 -29.90
CA LEU C 11 12.58 -2.70 -31.12
C LEU C 11 13.95 -2.05 -30.91
#